data_6BGC
#
_entry.id   6BGC
#
_cell.length_a   42.257
_cell.length_b   61.592
_cell.length_c   70.350
_cell.angle_alpha   80.22
_cell.angle_beta   77.58
_cell.angle_gamma   72.72
#
_symmetry.space_group_name_H-M   'P 1'
#
loop_
_entity.id
_entity.type
_entity.pdbx_description
1 polymer 'Glucose/galactose-binding lipoprotein'
2 non-polymer beta-D-glucopyranose
3 non-polymer 'CALCIUM ION'
4 non-polymer 1,2-ETHANEDIOL
5 water water
#
_entity_poly.entity_id   1
_entity_poly.type   'polypeptide(L)'
_entity_poly.pdbx_seq_one_letter_code
;MGSDKIHHHHHHENLYFQGRDKPLVFFNRQPSDPLTGKVDMAAMNWNDKTYYVGFDAKFGGSIQGKMILDFLASSESSVD
RNGDGIIGYVLCIGDVGHNDSKVRTEGIRRALGTWTGSSDPGQAKEGQAVVGGKSYKVVELEGKAMTGTDGSTANTNSAT
ESMGSWVAKFADKIDLVISNNDGMAMGCLQASNYPRGLPIFGYDANADAVESVGKGELTGTVSQNVDAQAVAVLQIIRNL
LDGSSGEDVVANGISRPDAHGNKISAPVQYWEDVKAIMADNSEVTSANWKEYTRGARDAGVRQVSAPTKKVLLTVHNASN
DFLASAYLPALKHYAPLLNVDLTVVQGDGQNELSCLDKFTNLDMFDAFAVNMVKTNSGADYTDKLKY
;
_entity_poly.pdbx_strand_id   A,B
#
# COMPACT_ATOMS: atom_id res chain seq x y z
N GLY A 19 -6.22 14.64 30.05
CA GLY A 19 -5.89 13.23 30.03
C GLY A 19 -5.88 12.67 28.61
N ARG A 20 -7.06 12.28 28.15
CA ARG A 20 -7.22 11.73 26.80
C ARG A 20 -7.24 12.83 25.74
N ASP A 21 -7.04 14.08 26.18
CA ASP A 21 -7.03 15.22 25.28
C ASP A 21 -5.59 15.68 24.97
N LYS A 22 -4.60 15.05 25.61
CA LYS A 22 -3.21 15.47 25.48
C LYS A 22 -2.48 14.68 24.40
N PRO A 23 -1.41 15.27 23.84
CA PRO A 23 -0.60 14.58 22.82
C PRO A 23 0.00 13.25 23.30
N LEU A 24 0.00 12.27 22.39
CA LEU A 24 0.61 10.97 22.65
C LEU A 24 1.42 10.55 21.43
N VAL A 25 2.74 10.49 21.58
CA VAL A 25 3.62 10.13 20.48
C VAL A 25 4.34 8.81 20.75
N PHE A 26 3.90 7.75 20.10
CA PHE A 26 4.65 6.50 20.11
C PHE A 26 5.92 6.71 19.29
N PHE A 27 7.01 6.06 19.66
CA PHE A 27 8.24 6.16 18.89
C PHE A 27 9.12 4.92 18.99
N ASN A 28 9.85 4.67 17.90
CA ASN A 28 10.83 3.58 17.77
C ASN A 28 10.25 2.16 17.75
N ARG A 29 9.13 1.94 18.45
CA ARG A 29 8.44 0.65 18.40
C ARG A 29 6.97 0.87 18.07
N GLN A 30 6.66 0.77 16.78
CA GLN A 30 5.34 1.06 16.25
C GLN A 30 4.27 0.14 16.82
N PRO A 31 3.14 0.70 17.30
CA PRO A 31 2.03 -0.14 17.73
C PRO A 31 1.63 -1.11 16.63
N SER A 32 1.74 -2.41 16.90
CA SER A 32 1.54 -3.43 15.88
C SER A 32 1.49 -4.83 16.47
N ASP A 33 0.92 -5.76 15.72
CA ASP A 33 0.87 -7.15 16.14
C ASP A 33 2.24 -7.80 15.93
N PRO A 34 2.81 -8.40 16.98
CA PRO A 34 4.19 -8.93 16.88
C PRO A 34 4.37 -10.12 15.92
N LEU A 35 3.30 -10.77 15.50
CA LEU A 35 3.42 -11.89 14.56
C LEU A 35 3.23 -11.43 13.12
N THR A 36 2.11 -10.77 12.87
CA THR A 36 1.70 -10.41 11.51
C THR A 36 2.16 -9.00 11.13
N GLY A 37 2.59 -8.21 12.11
CA GLY A 37 3.13 -6.89 11.86
C GLY A 37 2.10 -5.85 11.47
N LYS A 38 0.83 -6.24 11.42
CA LYS A 38 -0.22 -5.31 11.04
C LYS A 38 -0.37 -4.21 12.07
N VAL A 39 -0.45 -2.97 11.59
CA VAL A 39 -0.45 -1.80 12.44
C VAL A 39 -1.68 -1.72 13.34
N ASP A 40 -1.44 -1.40 14.61
CA ASP A 40 -2.50 -1.26 15.60
C ASP A 40 -3.18 0.11 15.48
N MET A 41 -4.15 0.23 14.58
CA MET A 41 -4.80 1.51 14.34
C MET A 41 -5.74 1.89 15.47
N ALA A 42 -6.07 0.92 16.34
CA ALA A 42 -6.86 1.20 17.52
C ALA A 42 -6.07 2.15 18.42
N ALA A 43 -4.80 1.83 18.62
CA ALA A 43 -3.92 2.65 19.45
C ALA A 43 -3.60 3.97 18.75
N MET A 44 -3.40 3.91 17.43
CA MET A 44 -3.05 5.10 16.67
C MET A 44 -4.22 6.09 16.62
N ASN A 45 -5.45 5.58 16.68
CA ASN A 45 -6.64 6.41 16.67
C ASN A 45 -7.10 6.78 18.08
N TRP A 46 -6.17 6.72 19.03
CA TRP A 46 -6.44 7.09 20.43
C TRP A 46 -7.12 8.46 20.50
N ASN A 47 -6.49 9.47 19.89
CA ASN A 47 -7.12 10.77 19.70
C ASN A 47 -6.54 11.42 18.45
N ASP A 48 -6.99 12.64 18.16
CA ASP A 48 -6.51 13.34 16.96
C ASP A 48 -5.16 14.02 17.20
N LYS A 49 -4.56 13.74 18.36
CA LYS A 49 -3.23 14.25 18.68
C LYS A 49 -2.26 13.10 18.94
N THR A 50 -2.58 11.94 18.36
CA THR A 50 -1.73 10.76 18.49
C THR A 50 -0.94 10.50 17.21
N TYR A 51 0.36 10.21 17.35
CA TYR A 51 1.22 9.98 16.21
C TYR A 51 2.29 8.95 16.53
N TYR A 52 2.96 8.48 15.47
CA TYR A 52 4.14 7.64 15.63
C TYR A 52 5.33 8.26 14.91
N VAL A 53 6.50 8.18 15.54
CA VAL A 53 7.74 8.62 14.91
C VAL A 53 8.71 7.45 14.83
N GLY A 54 9.22 7.21 13.62
CA GLY A 54 10.18 6.14 13.40
C GLY A 54 10.94 6.38 12.11
N PHE A 55 11.20 5.30 11.38
CA PHE A 55 11.92 5.39 10.12
C PHE A 55 11.32 4.41 9.12
N ASP A 56 11.65 4.60 7.85
CA ASP A 56 11.20 3.68 6.80
C ASP A 56 11.96 2.36 6.91
N ALA A 57 11.43 1.46 7.74
CA ALA A 57 12.14 0.24 8.10
C ALA A 57 12.30 -0.72 6.93
N LYS A 58 11.27 -0.81 6.09
CA LYS A 58 11.30 -1.71 4.95
C LYS A 58 12.34 -1.27 3.93
N PHE A 59 12.41 0.04 3.70
CA PHE A 59 13.41 0.61 2.81
C PHE A 59 14.80 0.42 3.41
N GLY A 60 14.87 0.56 4.73
CA GLY A 60 16.12 0.36 5.46
C GLY A 60 16.62 -1.05 5.29
N GLY A 61 15.68 -2.00 5.29
CA GLY A 61 16.01 -3.40 5.13
C GLY A 61 16.61 -3.69 3.78
N SER A 62 16.02 -3.13 2.72
CA SER A 62 16.54 -3.33 1.37
C SER A 62 17.89 -2.64 1.22
N ILE A 63 18.07 -1.54 1.94
CA ILE A 63 19.33 -0.82 1.91
C ILE A 63 20.45 -1.66 2.53
N GLN A 64 20.14 -2.38 3.60
CA GLN A 64 21.14 -3.24 4.24
C GLN A 64 21.52 -4.37 3.28
N GLY A 65 20.52 -4.90 2.59
CA GLY A 65 20.75 -5.95 1.61
C GLY A 65 21.59 -5.47 0.45
N LYS A 66 21.27 -4.29 -0.07
CA LYS A 66 21.98 -3.72 -1.21
C LYS A 66 23.44 -3.47 -0.88
N MET A 67 23.69 -2.96 0.33
CA MET A 67 25.05 -2.72 0.82
C MET A 67 25.87 -4.01 0.76
N ILE A 68 25.26 -5.10 1.17
CA ILE A 68 25.93 -6.39 1.19
C ILE A 68 26.19 -6.90 -0.24
N LEU A 69 25.23 -6.69 -1.14
CA LEU A 69 25.41 -7.11 -2.53
C LEU A 69 26.50 -6.30 -3.23
N ASP A 70 26.58 -5.01 -2.89
CA ASP A 70 27.59 -4.14 -3.49
C ASP A 70 28.98 -4.54 -3.04
N PHE A 71 29.11 -4.90 -1.76
CA PHE A 71 30.38 -5.36 -1.21
C PHE A 71 30.84 -6.62 -1.94
N LEU A 72 29.95 -7.60 -2.05
CA LEU A 72 30.26 -8.86 -2.70
C LEU A 72 30.61 -8.62 -4.17
N ALA A 73 29.85 -7.74 -4.81
CA ALA A 73 30.05 -7.45 -6.24
C ALA A 73 31.45 -6.89 -6.50
N SER A 74 31.94 -6.06 -5.58
CA SER A 74 33.25 -5.43 -5.74
C SER A 74 34.38 -6.33 -5.24
N SER A 75 34.03 -7.46 -4.64
CA SER A 75 35.03 -8.34 -4.06
C SER A 75 35.63 -9.29 -5.08
N GLU A 76 36.80 -9.82 -4.77
CA GLU A 76 37.43 -10.85 -5.58
C GLU A 76 36.94 -12.22 -5.06
N SER A 77 37.33 -13.29 -5.74
CA SER A 77 36.88 -14.64 -5.35
C SER A 77 37.50 -15.09 -4.03
N SER A 78 38.36 -14.28 -3.45
CA SER A 78 38.99 -14.60 -2.18
C SER A 78 38.00 -14.55 -1.01
N VAL A 79 36.91 -13.82 -1.16
CA VAL A 79 35.88 -13.78 -0.12
C VAL A 79 35.21 -15.14 0.04
N ASP A 80 35.36 -16.00 -0.97
CA ASP A 80 34.99 -17.40 -0.86
C ASP A 80 36.15 -18.15 -0.25
N ARG A 81 36.16 -18.23 1.08
CA ARG A 81 37.32 -18.70 1.84
C ARG A 81 37.73 -20.13 1.51
N ASN A 82 36.78 -21.07 1.53
CA ASN A 82 37.09 -22.47 1.25
C ASN A 82 37.09 -22.76 -0.26
N GLY A 83 36.77 -21.74 -1.06
CA GLY A 83 36.81 -21.85 -2.51
C GLY A 83 35.82 -22.86 -3.07
N ASP A 84 34.71 -23.07 -2.38
CA ASP A 84 33.73 -24.08 -2.80
C ASP A 84 32.69 -23.52 -3.77
N GLY A 85 32.82 -22.24 -4.13
CA GLY A 85 31.89 -21.61 -5.06
C GLY A 85 30.58 -21.20 -4.40
N ILE A 86 30.56 -21.22 -3.07
CA ILE A 86 29.37 -20.88 -2.29
C ILE A 86 29.70 -19.80 -1.28
N ILE A 87 28.87 -18.75 -1.24
CA ILE A 87 29.01 -17.71 -0.23
C ILE A 87 28.13 -18.05 0.98
N GLY A 88 28.76 -18.60 2.00
CA GLY A 88 28.05 -18.98 3.23
C GLY A 88 28.05 -17.85 4.24
N TYR A 89 26.93 -17.67 4.92
CA TYR A 89 26.84 -16.64 5.95
C TYR A 89 26.05 -17.09 7.17
N VAL A 90 26.31 -16.44 8.30
CA VAL A 90 25.53 -16.64 9.52
C VAL A 90 24.77 -15.36 9.84
N LEU A 91 23.54 -15.52 10.33
CA LEU A 91 22.64 -14.41 10.57
C LEU A 91 22.27 -14.29 12.04
N CYS A 92 22.46 -13.09 12.59
CA CYS A 92 22.02 -12.79 13.95
C CYS A 92 20.65 -12.16 13.93
N ILE A 93 19.65 -12.96 14.28
CA ILE A 93 18.27 -12.48 14.35
C ILE A 93 18.03 -11.85 15.72
N GLY A 94 17.33 -10.72 15.73
CA GLY A 94 17.08 -9.97 16.95
C GLY A 94 15.69 -10.20 17.52
N ASP A 95 14.90 -9.13 17.52
CA ASP A 95 13.55 -9.16 18.08
C ASP A 95 12.54 -9.70 17.06
N VAL A 96 12.06 -10.91 17.29
N VAL A 96 12.07 -10.91 17.28
CA VAL A 96 11.14 -11.56 16.37
CA VAL A 96 11.14 -11.55 16.35
C VAL A 96 9.71 -11.05 16.55
C VAL A 96 9.71 -11.04 16.54
N GLY A 97 9.54 -10.11 17.47
CA GLY A 97 8.24 -9.47 17.71
C GLY A 97 8.24 -8.01 17.30
N HIS A 98 9.31 -7.59 16.61
CA HIS A 98 9.50 -6.19 16.23
C HIS A 98 9.56 -6.06 14.70
N ASN A 99 8.54 -5.42 14.12
CA ASN A 99 8.43 -5.35 12.67
C ASN A 99 9.66 -4.73 12.00
N ASP A 100 10.25 -3.71 12.63
CA ASP A 100 11.42 -3.04 12.05
C ASP A 100 12.63 -3.98 12.01
N SER A 101 12.72 -4.90 12.96
CA SER A 101 13.85 -5.82 13.03
C SER A 101 13.71 -6.95 12.01
N LYS A 102 12.53 -7.54 11.93
CA LYS A 102 12.31 -8.68 11.04
C LYS A 102 12.49 -8.30 9.58
N VAL A 103 12.10 -7.08 9.23
CA VAL A 103 12.14 -6.66 7.84
C VAL A 103 13.59 -6.45 7.38
N ARG A 104 14.52 -6.47 8.32
CA ARG A 104 15.95 -6.49 7.97
C ARG A 104 16.38 -7.91 7.61
N THR A 105 15.85 -8.89 8.32
CA THR A 105 16.06 -10.29 7.95
C THR A 105 15.48 -10.53 6.56
N GLU A 106 14.32 -9.91 6.30
CA GLU A 106 13.67 -10.03 5.00
C GLU A 106 14.52 -9.37 3.90
N GLY A 107 15.06 -8.20 4.22
CA GLY A 107 15.84 -7.44 3.25
C GLY A 107 17.07 -8.19 2.78
N ILE A 108 17.87 -8.70 3.71
CA ILE A 108 19.13 -9.34 3.34
C ILE A 108 18.86 -10.69 2.68
N ARG A 109 17.82 -11.39 3.13
CA ARG A 109 17.46 -12.68 2.54
C ARG A 109 16.96 -12.51 1.11
N ARG A 110 16.09 -11.52 0.87
CA ARG A 110 15.63 -11.21 -0.47
C ARG A 110 16.81 -10.83 -1.37
N ALA A 111 17.70 -10.00 -0.82
CA ALA A 111 18.85 -9.51 -1.58
C ALA A 111 19.73 -10.67 -2.03
N LEU A 112 19.93 -11.64 -1.15
CA LEU A 112 20.83 -12.76 -1.41
C LEU A 112 20.15 -13.95 -2.09
N GLY A 113 18.83 -13.90 -2.17
CA GLY A 113 18.05 -14.94 -2.83
C GLY A 113 17.66 -16.11 -1.93
N THR A 114 17.83 -15.94 -0.63
CA THR A 114 17.55 -17.01 0.34
C THR A 114 16.16 -16.88 0.95
N TRP A 115 15.45 -15.81 0.60
CA TRP A 115 14.13 -15.53 1.15
C TRP A 115 13.10 -16.57 0.73
N THR A 116 12.35 -17.10 1.70
CA THR A 116 11.32 -18.09 1.45
C THR A 116 9.92 -17.61 1.86
N GLY A 117 9.84 -16.38 2.35
CA GLY A 117 8.57 -15.80 2.75
C GLY A 117 8.45 -15.57 4.24
N SER A 118 9.39 -16.11 5.01
CA SER A 118 9.37 -16.02 6.47
C SER A 118 10.64 -15.36 7.01
N SER A 119 10.47 -14.59 8.07
CA SER A 119 11.58 -13.90 8.73
C SER A 119 12.10 -14.70 9.93
N ASP A 120 11.53 -15.88 10.16
CA ASP A 120 11.92 -16.72 11.29
C ASP A 120 13.28 -17.38 11.08
N PRO A 121 13.95 -17.74 12.19
CA PRO A 121 15.20 -18.51 12.09
C PRO A 121 14.97 -19.88 11.46
N GLY A 122 15.91 -20.34 10.65
CA GLY A 122 15.82 -21.64 10.02
C GLY A 122 14.95 -21.65 8.78
N GLN A 123 14.49 -20.48 8.36
CA GLN A 123 13.67 -20.34 7.16
C GLN A 123 14.48 -19.70 6.03
N ALA A 124 15.18 -20.53 5.27
CA ALA A 124 15.98 -20.04 4.15
C ALA A 124 16.17 -21.10 3.08
N LYS A 125 16.26 -20.66 1.82
CA LYS A 125 16.57 -21.54 0.71
C LYS A 125 17.92 -21.13 0.13
N GLU A 126 18.40 -21.90 -0.84
CA GLU A 126 19.66 -21.59 -1.49
C GLU A 126 19.50 -20.31 -2.34
N GLY A 127 20.43 -19.38 -2.17
CA GLY A 127 20.37 -18.10 -2.86
C GLY A 127 21.38 -17.99 -4.00
N GLN A 128 21.61 -16.77 -4.46
CA GLN A 128 22.53 -16.52 -5.55
C GLN A 128 23.00 -15.07 -5.51
N ALA A 129 24.28 -14.85 -5.77
CA ALA A 129 24.85 -13.51 -5.77
C ALA A 129 26.08 -13.42 -6.65
N VAL A 130 26.42 -12.20 -7.07
CA VAL A 130 27.58 -11.97 -7.92
C VAL A 130 28.80 -11.56 -7.07
N VAL A 131 29.91 -12.25 -7.31
CA VAL A 131 31.20 -11.90 -6.73
C VAL A 131 32.25 -11.82 -7.83
N GLY A 132 32.79 -10.62 -8.05
CA GLY A 132 33.77 -10.42 -9.10
C GLY A 132 33.26 -10.79 -10.47
N GLY A 133 32.04 -10.35 -10.79
CA GLY A 133 31.46 -10.58 -12.11
C GLY A 133 31.14 -12.04 -12.39
N LYS A 134 31.20 -12.87 -11.35
CA LYS A 134 30.85 -14.29 -11.46
C LYS A 134 29.69 -14.64 -10.54
N SER A 135 28.85 -15.57 -10.99
CA SER A 135 27.72 -16.03 -10.19
C SER A 135 28.19 -16.99 -9.10
N TYR A 136 27.59 -16.86 -7.92
CA TYR A 136 27.90 -17.70 -6.78
C TYR A 136 26.63 -18.19 -6.11
N LYS A 137 26.70 -19.40 -5.56
CA LYS A 137 25.61 -19.92 -4.73
C LYS A 137 25.67 -19.23 -3.38
N VAL A 138 24.52 -19.12 -2.73
CA VAL A 138 24.46 -18.52 -1.40
C VAL A 138 23.70 -19.45 -0.46
N VAL A 139 24.24 -19.63 0.74
CA VAL A 139 23.63 -20.49 1.74
C VAL A 139 23.64 -19.80 3.11
N GLU A 140 22.49 -19.76 3.75
CA GLU A 140 22.41 -19.33 5.13
C GLU A 140 22.78 -20.51 6.02
N LEU A 141 24.02 -20.53 6.48
CA LEU A 141 24.53 -21.60 7.32
C LEU A 141 23.65 -21.75 8.56
N GLU A 142 23.42 -20.63 9.23
CA GLU A 142 22.48 -20.59 10.35
C GLU A 142 21.97 -19.17 10.57
N GLY A 143 20.66 -19.06 10.75
CA GLY A 143 20.02 -17.83 11.19
C GLY A 143 19.42 -18.10 12.56
N LYS A 144 19.93 -17.44 13.59
CA LYS A 144 19.57 -17.75 14.97
C LYS A 144 19.19 -16.50 15.76
N ALA A 145 18.13 -16.62 16.56
CA ALA A 145 17.74 -15.56 17.49
C ALA A 145 18.67 -15.53 18.68
N MET A 146 19.31 -14.38 18.92
CA MET A 146 20.27 -14.26 20.01
C MET A 146 19.60 -13.94 21.34
N THR A 147 18.81 -14.88 21.82
CA THR A 147 18.10 -14.72 23.08
C THR A 147 19.02 -14.98 24.26
N GLY A 148 18.98 -14.09 25.25
CA GLY A 148 19.77 -14.25 26.46
C GLY A 148 19.17 -15.30 27.38
N THR A 149 19.99 -15.82 28.29
CA THR A 149 19.52 -16.83 29.24
C THR A 149 18.50 -16.24 30.21
N ASP A 150 18.42 -14.92 30.26
CA ASP A 150 17.43 -14.22 31.07
C ASP A 150 16.23 -13.78 30.24
N GLY A 151 16.16 -14.26 29.01
CA GLY A 151 15.04 -13.97 28.13
C GLY A 151 15.16 -12.67 27.36
N SER A 152 16.22 -11.90 27.61
CA SER A 152 16.44 -10.66 26.90
C SER A 152 16.72 -10.91 25.42
N THR A 153 16.13 -10.09 24.56
CA THR A 153 16.24 -10.28 23.11
C THR A 153 17.43 -9.53 22.53
N ALA A 154 17.96 -10.04 21.43
CA ALA A 154 19.11 -9.45 20.76
C ALA A 154 20.26 -9.26 21.73
N ASN A 155 20.45 -10.23 22.62
CA ASN A 155 21.50 -10.17 23.63
C ASN A 155 22.89 -10.23 23.00
N THR A 156 23.73 -9.26 23.32
CA THR A 156 25.04 -9.15 22.69
C THR A 156 26.02 -10.21 23.19
N ASN A 157 25.90 -10.61 24.45
CA ASN A 157 26.73 -11.67 24.99
C ASN A 157 26.39 -13.00 24.34
N SER A 158 25.11 -13.20 24.02
CA SER A 158 24.68 -14.40 23.29
C SER A 158 25.23 -14.38 21.87
N ALA A 159 25.36 -13.18 21.31
CA ALA A 159 25.93 -13.04 19.97
C ALA A 159 27.40 -13.44 19.97
N THR A 160 28.13 -13.05 21.01
CA THR A 160 29.53 -13.43 21.17
C THR A 160 29.63 -14.95 21.28
N GLU A 161 28.78 -15.53 22.12
CA GLU A 161 28.71 -16.98 22.30
C GLU A 161 28.46 -17.70 20.98
N SER A 162 27.44 -17.26 20.25
CA SER A 162 27.05 -17.88 19.00
C SER A 162 28.14 -17.79 17.94
N MET A 163 28.79 -16.63 17.87
CA MET A 163 29.85 -16.42 16.90
C MET A 163 31.01 -17.35 17.18
N GLY A 164 31.26 -17.62 18.46
CA GLY A 164 32.31 -18.52 18.87
C GLY A 164 32.05 -19.94 18.41
N SER A 165 30.82 -20.41 18.59
CA SER A 165 30.43 -21.75 18.20
C SER A 165 30.40 -21.88 16.68
N TRP A 166 29.83 -20.89 16.02
CA TRP A 166 29.72 -20.89 14.56
C TRP A 166 31.07 -21.08 13.90
N VAL A 167 32.08 -20.35 14.38
CA VAL A 167 33.43 -20.47 13.85
C VAL A 167 33.97 -21.88 14.05
N ALA A 168 33.71 -22.44 15.21
CA ALA A 168 34.20 -23.78 15.54
C ALA A 168 33.46 -24.85 14.75
N LYS A 169 32.22 -24.58 14.39
CA LYS A 169 31.37 -25.55 13.71
C LYS A 169 31.52 -25.49 12.19
N PHE A 170 31.43 -24.29 11.64
CA PHE A 170 31.43 -24.10 10.19
C PHE A 170 32.81 -23.74 9.65
N ALA A 171 33.62 -23.07 10.47
CA ALA A 171 35.00 -22.76 10.12
C ALA A 171 35.11 -21.97 8.81
N ASP A 172 35.78 -22.55 7.82
CA ASP A 172 36.07 -21.86 6.57
C ASP A 172 34.83 -21.64 5.71
N LYS A 173 33.71 -22.23 6.10
CA LYS A 173 32.47 -22.08 5.34
C LYS A 173 31.88 -20.67 5.48
N ILE A 174 32.05 -20.08 6.65
CA ILE A 174 31.52 -18.74 6.90
C ILE A 174 32.29 -17.70 6.10
N ASP A 175 31.60 -17.05 5.16
CA ASP A 175 32.21 -16.05 4.29
C ASP A 175 31.78 -14.64 4.66
N LEU A 176 30.71 -14.53 5.44
CA LEU A 176 30.32 -13.24 5.98
C LEU A 176 29.31 -13.39 7.12
N VAL A 177 29.16 -12.32 7.89
CA VAL A 177 28.24 -12.29 9.03
C VAL A 177 27.24 -11.16 8.83
N ILE A 178 25.98 -11.44 9.11
CA ILE A 178 24.93 -10.43 9.00
C ILE A 178 24.15 -10.36 10.30
N SER A 179 23.74 -9.15 10.68
CA SER A 179 23.07 -8.93 11.94
C SER A 179 21.98 -7.86 11.83
N ASN A 180 20.86 -8.10 12.53
CA ASN A 180 19.76 -7.14 12.52
C ASN A 180 20.14 -5.79 13.14
N ASN A 181 21.17 -5.76 13.98
CA ASN A 181 21.65 -4.47 14.49
C ASN A 181 23.15 -4.46 14.83
N ASP A 182 23.66 -3.26 15.11
CA ASP A 182 25.07 -3.07 15.44
C ASP A 182 25.44 -3.80 16.72
N GLY A 183 24.55 -3.77 17.70
CA GLY A 183 24.81 -4.37 19.00
C GLY A 183 25.29 -5.80 18.90
N MET A 184 24.52 -6.63 18.20
CA MET A 184 24.88 -8.03 18.03
C MET A 184 26.12 -8.19 17.16
N ALA A 185 26.27 -7.32 16.17
CA ALA A 185 27.42 -7.36 15.27
C ALA A 185 28.72 -7.05 16.01
N MET A 186 28.69 -6.00 16.81
CA MET A 186 29.85 -5.65 17.64
C MET A 186 30.09 -6.76 18.67
N GLY A 187 29.02 -7.46 19.03
CA GLY A 187 29.12 -8.61 19.92
C GLY A 187 29.82 -9.79 19.25
N CYS A 188 29.57 -9.99 17.96
CA CYS A 188 30.24 -11.05 17.21
C CYS A 188 31.75 -10.82 17.17
N LEU A 189 32.12 -9.56 16.99
CA LEU A 189 33.53 -9.19 16.88
C LEU A 189 34.28 -9.44 18.18
N GLN A 190 33.56 -9.60 19.28
CA GLN A 190 34.18 -9.89 20.57
C GLN A 190 34.63 -11.35 20.66
N ALA A 191 34.12 -12.19 19.76
CA ALA A 191 34.49 -13.60 19.74
C ALA A 191 36.00 -13.77 19.68
N SER A 192 36.54 -14.55 20.61
CA SER A 192 37.98 -14.74 20.71
C SER A 192 38.57 -15.39 19.45
N ASN A 193 37.75 -16.13 18.72
CA ASN A 193 38.18 -16.82 17.51
C ASN A 193 37.60 -16.20 16.23
N TYR A 194 37.23 -14.93 16.29
CA TYR A 194 36.67 -14.26 15.13
C TYR A 194 37.74 -14.17 14.03
N PRO A 195 37.47 -14.75 12.84
CA PRO A 195 38.48 -14.69 11.79
C PRO A 195 38.80 -13.28 11.33
N ARG A 196 40.08 -12.92 11.46
CA ARG A 196 40.61 -11.62 11.07
C ARG A 196 40.18 -11.21 9.66
N GLY A 197 39.30 -10.21 9.58
CA GLY A 197 38.88 -9.63 8.31
C GLY A 197 37.59 -10.19 7.74
N LEU A 198 36.95 -11.10 8.48
CA LEU A 198 35.68 -11.68 8.04
C LEU A 198 34.63 -10.58 7.87
N PRO A 199 34.12 -10.40 6.63
CA PRO A 199 33.12 -9.34 6.43
C PRO A 199 31.90 -9.48 7.32
N ILE A 200 31.47 -8.39 7.93
CA ILE A 200 30.31 -8.40 8.81
C ILE A 200 29.55 -7.08 8.68
N PHE A 201 28.22 -7.17 8.78
CA PHE A 201 27.35 -6.01 8.58
C PHE A 201 26.34 -5.88 9.71
N GLY A 202 26.05 -4.63 10.09
CA GLY A 202 25.12 -4.34 11.16
C GLY A 202 24.06 -3.33 10.75
N TYR A 203 23.53 -2.62 11.74
CA TYR A 203 22.47 -1.66 11.52
C TYR A 203 22.30 -0.77 12.75
N ASP A 204 22.25 0.55 12.50
CA ASP A 204 21.96 1.63 13.46
C ASP A 204 22.97 2.76 13.33
N ALA A 205 24.20 2.40 12.96
CA ALA A 205 25.30 3.35 12.92
C ALA A 205 25.55 3.93 14.31
N ASN A 206 25.57 3.06 15.32
CA ASN A 206 25.98 3.47 16.66
C ASN A 206 27.43 3.97 16.61
N ALA A 207 27.80 4.79 17.60
CA ALA A 207 29.11 5.42 17.63
C ALA A 207 30.24 4.41 17.51
N ASP A 208 30.13 3.30 18.23
CA ASP A 208 31.18 2.30 18.23
C ASP A 208 31.21 1.55 16.90
N ALA A 209 30.05 1.38 16.28
CA ALA A 209 29.95 0.66 15.02
C ALA A 209 30.62 1.47 13.90
N VAL A 210 30.35 2.77 13.88
CA VAL A 210 30.89 3.65 12.84
C VAL A 210 32.42 3.69 12.93
N GLU A 211 32.93 3.81 14.15
CA GLU A 211 34.36 3.79 14.39
C GLU A 211 34.97 2.48 13.91
N SER A 212 34.23 1.39 14.09
CA SER A 212 34.68 0.07 13.68
C SER A 212 34.76 -0.03 12.16
N VAL A 213 33.85 0.66 11.46
CA VAL A 213 33.91 0.73 10.01
C VAL A 213 35.18 1.46 9.59
N GLY A 214 35.52 2.50 10.32
CA GLY A 214 36.72 3.27 10.05
C GLY A 214 37.99 2.46 10.26
N LYS A 215 37.94 1.49 11.17
CA LYS A 215 39.08 0.62 11.43
C LYS A 215 39.14 -0.53 10.43
N GLY A 216 38.11 -0.66 9.60
CA GLY A 216 38.06 -1.72 8.62
C GLY A 216 37.74 -3.07 9.26
N GLU A 217 37.05 -3.05 10.39
CA GLU A 217 36.62 -4.27 11.06
C GLU A 217 35.19 -4.60 10.66
N LEU A 218 34.23 -3.88 11.26
CA LEU A 218 32.86 -3.94 10.79
C LEU A 218 32.85 -3.42 9.35
N THR A 219 32.25 -4.18 8.45
CA THR A 219 32.32 -3.83 7.04
C THR A 219 31.34 -2.70 6.70
N GLY A 220 30.18 -2.71 7.34
CA GLY A 220 29.19 -1.69 7.08
C GLY A 220 28.01 -1.73 8.04
N THR A 221 27.29 -0.62 8.11
CA THR A 221 26.08 -0.52 8.91
C THR A 221 25.11 0.42 8.21
N VAL A 222 24.02 0.77 8.88
CA VAL A 222 22.99 1.63 8.29
C VAL A 222 22.48 2.66 9.29
N SER A 223 22.51 3.93 8.89
CA SER A 223 21.95 5.00 9.70
C SER A 223 20.45 5.12 9.47
N GLN A 224 19.69 5.21 10.56
CA GLN A 224 18.25 5.43 10.47
C GLN A 224 17.90 6.87 10.86
N ASN A 225 18.88 7.76 10.76
CA ASN A 225 18.70 9.17 11.12
C ASN A 225 18.00 9.35 12.46
N VAL A 226 18.62 8.82 13.51
CA VAL A 226 18.05 8.89 14.85
C VAL A 226 17.86 10.33 15.31
N ASP A 227 18.73 11.21 14.85
CA ASP A 227 18.64 12.63 15.23
C ASP A 227 17.36 13.24 14.68
N ALA A 228 17.03 12.91 13.44
CA ALA A 228 15.80 13.40 12.83
C ALA A 228 14.57 12.88 13.58
N GLN A 229 14.65 11.63 14.03
CA GLN A 229 13.55 11.02 14.76
C GLN A 229 13.34 11.71 16.11
N ALA A 230 14.43 11.97 16.82
CA ALA A 230 14.36 12.61 18.13
C ALA A 230 13.74 14.00 18.05
N VAL A 231 14.16 14.79 17.06
CA VAL A 231 13.59 16.11 16.86
C VAL A 231 12.11 16.00 16.51
N ALA A 232 11.76 15.02 15.68
CA ALA A 232 10.39 14.83 15.23
C ALA A 232 9.43 14.57 16.39
N VAL A 233 9.85 13.74 17.34
CA VAL A 233 9.04 13.46 18.53
C VAL A 233 8.74 14.76 19.28
N LEU A 234 9.79 15.51 19.56
CA LEU A 234 9.68 16.76 20.30
C LEU A 234 8.95 17.84 19.52
N GLN A 235 9.21 17.91 18.21
CA GLN A 235 8.64 18.96 17.37
C GLN A 235 7.13 18.78 17.20
N ILE A 236 6.69 17.53 17.08
CA ILE A 236 5.27 17.25 16.96
C ILE A 236 4.55 17.67 18.24
N ILE A 237 5.13 17.35 19.38
CA ILE A 237 4.58 17.77 20.65
C ILE A 237 4.61 19.29 20.76
N ARG A 238 5.74 19.88 20.36
CA ARG A 238 5.91 21.32 20.36
C ARG A 238 4.79 22.00 19.57
N ASN A 239 4.58 21.54 18.34
CA ASN A 239 3.52 22.09 17.49
C ASN A 239 2.14 21.93 18.11
N LEU A 240 1.88 20.76 18.69
CA LEU A 240 0.57 20.48 19.27
C LEU A 240 0.29 21.34 20.49
N LEU A 241 1.31 21.57 21.32
CA LEU A 241 1.15 22.37 22.52
C LEU A 241 1.15 23.86 22.20
N ASP A 242 1.65 24.22 21.02
CA ASP A 242 1.61 25.60 20.55
C ASP A 242 0.25 25.90 19.91
N GLY A 243 -0.57 24.86 19.76
CA GLY A 243 -1.93 25.03 19.28
C GLY A 243 -2.11 24.79 17.78
N SER A 244 -1.22 24.00 17.20
CA SER A 244 -1.31 23.67 15.77
C SER A 244 -2.31 22.55 15.52
N SER A 245 -2.84 22.51 14.30
CA SER A 245 -3.77 21.46 13.90
C SER A 245 -3.55 21.12 12.42
N GLY A 246 -4.02 19.95 12.02
CA GLY A 246 -3.91 19.52 10.64
C GLY A 246 -2.48 19.28 10.20
N GLU A 247 -2.21 19.58 8.93
CA GLU A 247 -0.91 19.31 8.32
C GLU A 247 0.21 20.07 9.03
N ASP A 248 -0.14 21.20 9.65
CA ASP A 248 0.83 22.02 10.36
C ASP A 248 1.57 21.21 11.42
N VAL A 249 0.84 20.34 12.09
CA VAL A 249 1.40 19.53 13.18
C VAL A 249 2.56 18.67 12.70
N VAL A 250 2.38 18.01 11.56
CA VAL A 250 3.37 17.07 11.05
C VAL A 250 4.34 17.70 10.05
N ALA A 251 4.11 18.96 9.70
CA ALA A 251 4.92 19.65 8.70
C ALA A 251 5.86 20.69 9.33
N ASN A 252 5.31 21.53 10.21
CA ASN A 252 6.05 22.64 10.79
C ASN A 252 7.28 22.18 11.57
N GLY A 253 8.46 22.62 11.12
CA GLY A 253 9.70 22.26 11.76
C GLY A 253 10.21 20.89 11.35
N ILE A 254 9.47 20.23 10.46
CA ILE A 254 9.76 18.86 10.07
C ILE A 254 10.04 18.80 8.56
N SER A 255 9.02 18.95 7.75
CA SER A 255 9.16 18.90 6.29
C SER A 255 9.31 20.30 5.70
N ARG A 256 8.94 21.31 6.50
CA ARG A 256 9.13 22.71 6.11
C ARG A 256 9.52 23.54 7.33
N PRO A 257 10.07 24.73 7.11
CA PRO A 257 10.46 25.58 8.25
C PRO A 257 9.26 26.09 9.04
N ASP A 258 9.38 26.07 10.36
CA ASP A 258 8.34 26.66 11.21
C ASP A 258 8.55 28.17 11.28
N ALA A 259 7.82 28.83 12.17
CA ALA A 259 7.96 30.27 12.34
C ALA A 259 9.35 30.62 12.85
N HIS A 260 9.83 29.84 13.81
CA HIS A 260 11.17 30.05 14.38
C HIS A 260 12.25 29.94 13.32
N GLY A 261 11.96 29.20 12.25
CA GLY A 261 12.90 28.98 11.17
C GLY A 261 13.53 27.60 11.22
N ASN A 262 13.21 26.84 12.27
CA ASN A 262 13.77 25.49 12.44
C ASN A 262 13.21 24.49 11.45
N LYS A 263 14.05 23.53 11.06
CA LYS A 263 13.63 22.43 10.20
C LYS A 263 14.61 21.27 10.32
N ILE A 264 14.07 20.06 10.41
CA ILE A 264 14.90 18.86 10.37
C ILE A 264 15.60 18.77 9.01
N SER A 265 16.92 18.62 9.04
CA SER A 265 17.71 18.64 7.81
C SER A 265 17.47 17.40 6.96
N ALA A 266 17.52 16.23 7.59
CA ALA A 266 17.32 14.98 6.88
C ALA A 266 15.91 14.90 6.32
N PRO A 267 15.73 14.16 5.21
CA PRO A 267 14.40 14.06 4.60
C PRO A 267 13.45 13.18 5.43
N VAL A 268 12.20 13.62 5.53
CA VAL A 268 11.21 12.93 6.34
C VAL A 268 9.90 12.79 5.57
N GLN A 269 9.21 11.68 5.79
CA GLN A 269 7.91 11.45 5.17
C GLN A 269 6.82 11.39 6.23
N TYR A 270 5.62 11.82 5.85
CA TYR A 270 4.43 11.56 6.65
C TYR A 270 3.55 10.53 5.96
N TRP A 271 3.21 9.47 6.67
CA TRP A 271 2.31 8.45 6.17
C TRP A 271 0.95 8.59 6.87
N GLU A 272 0.02 9.21 6.16
CA GLU A 272 -1.28 9.57 6.73
C GLU A 272 -2.07 8.37 7.24
N ASP A 273 -2.03 7.27 6.49
CA ASP A 273 -2.86 6.11 6.81
C ASP A 273 -2.49 5.49 8.16
N VAL A 274 -1.26 5.71 8.61
CA VAL A 274 -0.79 5.16 9.88
C VAL A 274 -0.31 6.27 10.83
N LYS A 275 -0.52 7.53 10.45
CA LYS A 275 -0.16 8.67 11.29
C LYS A 275 1.32 8.64 11.70
N ALA A 276 2.20 8.31 10.76
CA ALA A 276 3.60 8.09 11.09
C ALA A 276 4.54 9.06 10.37
N ILE A 277 5.40 9.70 11.16
CA ILE A 277 6.52 10.46 10.64
C ILE A 277 7.73 9.53 10.56
N MET A 278 8.19 9.28 9.34
CA MET A 278 9.27 8.32 9.11
C MET A 278 10.50 8.99 8.48
N ALA A 279 11.63 8.86 9.18
CA ALA A 279 12.90 9.27 8.63
C ALA A 279 13.38 8.22 7.62
N ASP A 280 14.34 8.59 6.77
CA ASP A 280 14.87 7.64 5.80
C ASP A 280 16.20 7.07 6.31
N ASN A 281 16.80 6.18 5.53
CA ASN A 281 18.04 5.52 5.91
C ASN A 281 19.17 5.77 4.92
N SER A 282 20.40 5.53 5.37
N SER A 282 20.40 5.54 5.37
CA SER A 282 21.58 5.67 4.52
CA SER A 282 21.58 5.65 4.51
C SER A 282 22.65 4.67 4.95
C SER A 282 22.64 4.65 4.95
N GLU A 283 23.27 4.00 3.97
CA GLU A 283 24.31 3.03 4.25
C GLU A 283 25.55 3.73 4.76
N VAL A 284 26.31 3.03 5.60
CA VAL A 284 27.57 3.54 6.13
C VAL A 284 28.66 2.50 5.91
N THR A 285 29.67 2.88 5.13
CA THR A 285 30.76 1.97 4.76
C THR A 285 32.10 2.67 4.93
N SER A 286 33.17 1.94 4.60
CA SER A 286 34.51 2.50 4.63
C SER A 286 34.62 3.75 3.77
N ALA A 287 33.73 3.86 2.79
CA ALA A 287 33.78 4.94 1.82
C ALA A 287 33.17 6.25 2.33
N ASN A 288 32.44 6.20 3.45
CA ASN A 288 31.75 7.38 3.94
C ASN A 288 31.50 7.43 5.46
N TRP A 289 32.31 6.70 6.23
CA TRP A 289 32.08 6.63 7.66
C TRP A 289 32.43 7.95 8.36
N LYS A 290 33.42 8.66 7.85
CA LYS A 290 33.83 9.94 8.41
C LYS A 290 32.70 10.96 8.38
N GLU A 291 31.75 10.75 7.47
CA GLU A 291 30.61 11.66 7.34
C GLU A 291 29.72 11.63 8.59
N TYR A 292 29.81 10.53 9.34
CA TYR A 292 29.00 10.33 10.53
C TYR A 292 29.84 10.48 11.79
N ARG A 297 25.29 17.17 15.27
CA ARG A 297 23.91 17.53 15.54
C ARG A 297 23.33 18.38 14.40
N ASP A 298 22.01 18.51 14.38
CA ASP A 298 21.31 19.19 13.29
C ASP A 298 21.40 20.70 13.42
N ALA A 299 21.99 21.35 12.42
CA ALA A 299 22.12 22.80 12.41
C ALA A 299 20.79 23.47 12.11
N GLY A 300 19.86 22.71 11.54
CA GLY A 300 18.55 23.22 11.22
C GLY A 300 17.64 23.38 12.43
N VAL A 301 18.17 23.03 13.61
CA VAL A 301 17.43 23.17 14.87
C VAL A 301 18.21 24.07 15.82
N ARG A 302 17.63 25.23 16.11
CA ARG A 302 18.23 26.18 17.04
C ARG A 302 17.21 26.56 18.11
N GLN A 303 17.63 27.43 19.04
CA GLN A 303 16.85 27.71 20.23
C GLN A 303 15.46 28.29 19.93
N VAL A 304 14.46 27.76 20.64
CA VAL A 304 13.08 28.17 20.51
C VAL A 304 12.73 29.15 21.63
N SER A 305 11.77 30.04 21.39
CA SER A 305 11.35 31.03 22.38
C SER A 305 10.01 30.70 23.01
N ALA A 306 9.31 29.72 22.43
CA ALA A 306 8.03 29.24 22.98
C ALA A 306 8.17 28.83 24.45
N PRO A 307 7.07 28.93 25.22
CA PRO A 307 7.09 28.58 26.65
C PRO A 307 7.39 27.11 26.93
N THR A 308 8.00 26.85 28.08
CA THR A 308 8.40 25.50 28.46
C THR A 308 7.21 24.60 28.75
N LYS A 309 7.30 23.33 28.35
CA LYS A 309 6.24 22.35 28.56
C LYS A 309 6.80 21.06 29.15
N LYS A 310 5.96 20.34 29.90
CA LYS A 310 6.39 19.12 30.60
C LYS A 310 6.01 17.87 29.83
N VAL A 311 7.00 17.04 29.50
CA VAL A 311 6.78 15.79 28.77
C VAL A 311 7.29 14.58 29.55
N LEU A 312 6.45 13.55 29.63
CA LEU A 312 6.85 12.27 30.19
C LEU A 312 7.17 11.31 29.06
N LEU A 313 8.43 10.87 29.01
CA LEU A 313 8.91 10.01 27.94
C LEU A 313 9.40 8.68 28.50
N THR A 314 8.96 7.58 27.90
CA THR A 314 9.36 6.24 28.35
C THR A 314 10.37 5.60 27.39
N VAL A 315 11.18 4.71 27.96
CA VAL A 315 12.13 3.90 27.19
C VAL A 315 11.96 2.45 27.60
N HIS A 316 11.77 1.57 26.64
CA HIS A 316 11.36 0.20 26.96
C HIS A 316 12.48 -0.60 27.65
N ASN A 317 13.72 -0.26 27.37
CA ASN A 317 14.86 -0.97 27.96
C ASN A 317 16.06 -0.06 28.13
N ALA A 318 16.46 0.14 29.38
CA ALA A 318 17.53 1.08 29.71
C ALA A 318 18.89 0.63 29.15
N SER A 319 19.07 -0.67 28.97
CA SER A 319 20.35 -1.21 28.50
C SER A 319 20.35 -1.46 26.99
N ASN A 320 19.30 -1.04 26.30
CA ASN A 320 19.28 -1.12 24.86
C ASN A 320 20.36 -0.23 24.27
N ASP A 321 21.28 -0.83 23.52
CA ASP A 321 22.45 -0.12 23.00
C ASP A 321 22.06 1.09 22.16
N PHE A 322 21.16 0.88 21.20
CA PHE A 322 20.75 1.95 20.30
C PHE A 322 20.09 3.09 21.06
N LEU A 323 19.09 2.76 21.87
CA LEU A 323 18.35 3.77 22.60
C LEU A 323 19.23 4.46 23.64
N ALA A 324 20.03 3.69 24.36
CA ALA A 324 20.86 4.23 25.42
C ALA A 324 22.00 5.11 24.87
N SER A 325 22.62 4.68 23.79
CA SER A 325 23.83 5.32 23.29
C SER A 325 23.56 6.40 22.24
N ALA A 326 22.45 6.27 21.51
CA ALA A 326 22.16 7.18 20.40
C ALA A 326 20.86 7.97 20.60
N TYR A 327 19.76 7.28 20.82
CA TYR A 327 18.45 7.93 20.81
C TYR A 327 18.26 8.87 22.01
N LEU A 328 18.57 8.40 23.21
CA LEU A 328 18.29 9.19 24.41
C LEU A 328 19.17 10.45 24.48
N PRO A 329 20.48 10.32 24.21
CA PRO A 329 21.32 11.51 24.18
C PRO A 329 20.82 12.55 23.17
N ALA A 330 20.36 12.09 22.01
CA ALA A 330 19.77 12.98 21.02
C ALA A 330 18.60 13.74 21.63
N LEU A 331 17.70 13.01 22.29
CA LEU A 331 16.54 13.60 22.92
C LEU A 331 16.92 14.67 23.95
N LYS A 332 17.93 14.35 24.77
CA LYS A 332 18.35 15.26 25.82
C LYS A 332 19.10 16.46 25.28
N HIS A 333 19.60 16.35 24.04
CA HIS A 333 20.25 17.47 23.39
C HIS A 333 19.23 18.44 22.81
N TYR A 334 18.22 17.90 22.12
CA TYR A 334 17.25 18.73 21.40
C TYR A 334 16.11 19.22 22.29
N ALA A 335 15.87 18.51 23.39
CA ALA A 335 14.73 18.82 24.26
C ALA A 335 14.78 20.26 24.80
N PRO A 336 15.92 20.69 25.37
CA PRO A 336 15.96 22.07 25.86
C PRO A 336 15.87 23.11 24.75
N LEU A 337 16.40 22.79 23.57
CA LEU A 337 16.33 23.69 22.42
C LEU A 337 14.88 23.99 22.04
N LEU A 338 14.03 22.98 22.15
CA LEU A 338 12.61 23.13 21.85
C LEU A 338 11.81 23.44 23.12
N ASN A 339 12.53 23.77 24.19
CA ASN A 339 11.93 24.10 25.48
C ASN A 339 10.94 23.04 25.94
N VAL A 340 11.37 21.79 25.87
CA VAL A 340 10.60 20.67 26.40
C VAL A 340 11.34 20.09 27.61
N ASP A 341 10.76 20.27 28.80
CA ASP A 341 11.35 19.71 30.00
C ASP A 341 11.01 18.23 30.07
N LEU A 342 12.02 17.39 29.87
CA LEU A 342 11.82 15.95 29.66
C LEU A 342 12.02 15.14 30.93
N THR A 343 10.97 14.44 31.35
CA THR A 343 11.07 13.43 32.40
C THR A 343 11.16 12.06 31.75
N VAL A 344 12.28 11.38 31.96
CA VAL A 344 12.57 10.10 31.31
C VAL A 344 12.46 8.93 32.30
N VAL A 345 11.61 7.96 31.96
CA VAL A 345 11.46 6.74 32.74
C VAL A 345 11.80 5.55 31.86
N GLN A 346 12.42 4.52 32.44
CA GLN A 346 12.96 3.42 31.63
C GLN A 346 12.67 2.04 32.22
N GLY A 347 12.24 1.12 31.34
CA GLY A 347 11.90 -0.24 31.73
C GLY A 347 13.05 -1.22 31.59
N ASP A 348 12.72 -2.51 31.57
CA ASP A 348 13.72 -3.58 31.63
C ASP A 348 13.81 -4.39 30.34
N GLY A 349 12.88 -4.15 29.41
CA GLY A 349 12.88 -4.83 28.13
C GLY A 349 12.16 -6.17 28.16
N GLN A 350 11.81 -6.63 29.36
CA GLN A 350 11.17 -7.93 29.54
C GLN A 350 9.65 -7.80 29.68
N ASN A 351 9.23 -7.00 30.65
CA ASN A 351 7.81 -6.85 30.99
C ASN A 351 7.33 -5.42 30.80
N GLU A 352 6.13 -5.28 30.25
CA GLU A 352 5.54 -3.97 30.01
C GLU A 352 5.33 -3.22 31.33
N LEU A 353 5.16 -3.97 32.41
CA LEU A 353 4.91 -3.39 33.72
C LEU A 353 6.12 -2.60 34.22
N SER A 354 7.31 -2.97 33.76
CA SER A 354 8.52 -2.25 34.12
C SER A 354 8.45 -0.81 33.64
N CYS A 355 7.64 -0.57 32.61
CA CYS A 355 7.41 0.76 32.08
C CYS A 355 6.10 1.34 32.61
N LEU A 356 5.04 0.56 32.54
CA LEU A 356 3.71 1.01 32.94
C LEU A 356 3.70 1.47 34.39
N ASP A 357 4.49 0.81 35.24
CA ASP A 357 4.60 1.19 36.64
C ASP A 357 5.06 2.63 36.81
N LYS A 358 5.90 3.09 35.88
CA LYS A 358 6.47 4.43 35.96
C LYS A 358 5.69 5.44 35.12
N PHE A 359 4.68 4.95 34.40
CA PHE A 359 3.82 5.82 33.59
C PHE A 359 2.66 6.34 34.45
N THR A 360 2.99 7.21 35.41
CA THR A 360 2.01 7.72 36.37
C THR A 360 2.16 9.23 36.54
N ASN A 361 1.37 9.80 37.45
CA ASN A 361 1.31 11.24 37.64
C ASN A 361 1.00 11.94 36.32
N LEU A 362 0.18 11.29 35.51
CA LEU A 362 -0.08 11.74 34.15
C LEU A 362 -0.79 13.09 34.10
N ASP A 363 -1.37 13.49 35.22
CA ASP A 363 -2.03 14.79 35.33
C ASP A 363 -1.02 15.92 35.49
N MET A 364 0.23 15.58 35.80
CA MET A 364 1.29 16.57 35.99
C MET A 364 2.10 16.81 34.71
N PHE A 365 1.61 16.31 33.59
CA PHE A 365 2.33 16.41 32.32
C PHE A 365 1.45 16.95 31.21
N ASP A 366 2.08 17.60 30.23
CA ASP A 366 1.39 18.24 29.13
C ASP A 366 1.30 17.33 27.91
N ALA A 367 2.27 16.43 27.77
CA ALA A 367 2.32 15.50 26.64
C ALA A 367 3.08 14.23 27.00
N PHE A 368 2.95 13.21 26.15
CA PHE A 368 3.54 11.91 26.43
C PHE A 368 4.22 11.30 25.22
N ALA A 369 5.38 10.68 25.45
CA ALA A 369 6.07 9.92 24.42
C ALA A 369 6.33 8.50 24.93
N VAL A 370 5.89 7.50 24.18
CA VAL A 370 5.91 6.12 24.66
C VAL A 370 6.69 5.18 23.74
N ASN A 371 7.65 4.47 24.33
CA ASN A 371 8.40 3.42 23.67
C ASN A 371 8.13 2.08 24.34
N MET A 372 7.18 1.32 23.80
CA MET A 372 6.63 0.15 24.48
C MET A 372 7.53 -1.07 24.43
N VAL A 373 7.47 -1.89 25.47
CA VAL A 373 8.19 -3.16 25.50
C VAL A 373 7.61 -4.09 24.42
N LYS A 374 6.30 -4.32 24.49
CA LYS A 374 5.60 -5.10 23.49
C LYS A 374 4.83 -4.16 22.56
N THR A 375 4.91 -4.42 21.26
CA THR A 375 4.30 -3.54 20.26
C THR A 375 2.78 -3.64 20.25
N ASN A 376 2.23 -4.57 21.03
CA ASN A 376 0.78 -4.77 21.10
C ASN A 376 0.17 -4.24 22.40
N SER A 377 0.96 -3.49 23.17
CA SER A 377 0.54 -3.05 24.50
C SER A 377 -0.06 -1.65 24.51
N GLY A 378 -0.47 -1.18 23.35
CA GLY A 378 -1.00 0.18 23.22
C GLY A 378 -2.15 0.46 24.18
N ALA A 379 -3.01 -0.53 24.38
CA ALA A 379 -4.19 -0.37 25.22
C ALA A 379 -3.83 -0.01 26.65
N ASP A 380 -2.79 -0.64 27.17
CA ASP A 380 -2.38 -0.46 28.57
C ASP A 380 -2.00 1.00 28.87
N TYR A 381 -1.46 1.68 27.86
CA TYR A 381 -1.03 3.06 28.03
C TYR A 381 -2.19 4.04 27.86
N THR A 382 -3.07 3.76 26.90
CA THR A 382 -4.23 4.61 26.67
C THR A 382 -5.30 4.38 27.74
N ASP A 383 -5.23 3.25 28.44
CA ASP A 383 -6.13 3.00 29.56
C ASP A 383 -5.84 3.98 30.70
N LYS A 384 -4.56 4.14 31.00
CA LYS A 384 -4.14 5.02 32.08
C LYS A 384 -4.45 6.49 31.80
N LEU A 385 -4.58 6.84 30.53
CA LEU A 385 -4.80 8.22 30.13
C LEU A 385 -6.28 8.61 30.10
N LYS A 386 -7.14 7.70 30.53
CA LYS A 386 -8.58 8.00 30.61
C LYS A 386 -8.88 8.82 31.86
N LEU B 15 20.18 -9.12 -9.10
CA LEU B 15 20.65 -9.31 -10.46
C LEU B 15 20.09 -10.59 -11.08
N TYR B 16 20.03 -11.65 -10.27
CA TYR B 16 19.58 -12.95 -10.75
C TYR B 16 18.08 -13.15 -10.58
N PHE B 17 17.40 -12.13 -10.05
CA PHE B 17 15.96 -12.18 -9.90
C PHE B 17 15.34 -10.95 -10.56
N GLN B 18 15.58 -9.78 -9.96
CA GLN B 18 15.09 -8.51 -10.49
C GLN B 18 13.57 -8.42 -10.49
N GLY B 19 13.06 -7.19 -10.51
CA GLY B 19 11.64 -6.96 -10.52
C GLY B 19 10.98 -7.39 -11.82
N ARG B 20 11.77 -7.52 -12.87
CA ARG B 20 11.22 -7.85 -14.20
C ARG B 20 10.91 -9.33 -14.34
N ASP B 21 11.19 -10.12 -13.30
CA ASP B 21 10.85 -11.54 -13.27
C ASP B 21 9.74 -11.82 -12.25
N LYS B 22 9.08 -10.77 -11.78
CA LYS B 22 8.00 -10.90 -10.81
C LYS B 22 6.64 -10.75 -11.50
N PRO B 23 5.60 -11.35 -10.90
CA PRO B 23 4.25 -11.17 -11.45
C PRO B 23 3.80 -9.71 -11.51
N LEU B 24 3.20 -9.32 -12.62
CA LEU B 24 2.66 -7.98 -12.79
C LEU B 24 1.24 -8.07 -13.32
N VAL B 25 0.27 -7.70 -12.50
CA VAL B 25 -1.13 -7.78 -12.88
C VAL B 25 -1.79 -6.40 -12.95
N PHE B 26 -2.00 -5.91 -14.17
CA PHE B 26 -2.80 -4.72 -14.36
C PHE B 26 -4.25 -5.08 -14.06
N PHE B 27 -5.02 -4.15 -13.49
CA PHE B 27 -6.42 -4.43 -13.21
C PHE B 27 -7.28 -3.17 -13.34
N ASN B 28 -8.53 -3.38 -13.74
CA ASN B 28 -9.55 -2.34 -13.85
C ASN B 28 -9.30 -1.30 -14.95
N ARG B 29 -8.05 -0.95 -15.20
CA ARG B 29 -7.72 -0.04 -16.29
C ARG B 29 -6.71 -0.70 -17.23
N GLN B 30 -7.26 -1.27 -18.30
CA GLN B 30 -6.51 -2.09 -19.25
C GLN B 30 -5.45 -1.27 -19.99
N PRO B 31 -4.21 -1.76 -20.04
CA PRO B 31 -3.20 -1.09 -20.86
C PRO B 31 -3.67 -0.93 -22.30
N SER B 32 -3.84 0.32 -22.73
CA SER B 32 -4.42 0.59 -24.04
C SER B 32 -4.32 2.05 -24.43
N ASP B 33 -4.45 2.32 -25.73
CA ASP B 33 -4.44 3.68 -26.23
C ASP B 33 -5.73 4.41 -25.83
N PRO B 34 -5.61 5.57 -25.17
CA PRO B 34 -6.83 6.23 -24.67
C PRO B 34 -7.78 6.69 -25.79
N LEU B 35 -7.27 6.85 -27.00
CA LEU B 35 -8.09 7.32 -28.12
C LEU B 35 -8.84 6.19 -28.81
N THR B 36 -8.13 5.12 -29.14
CA THR B 36 -8.65 4.07 -30.02
C THR B 36 -9.02 2.79 -29.27
N GLY B 37 -8.63 2.69 -28.01
CA GLY B 37 -8.86 1.48 -27.23
C GLY B 37 -7.98 0.33 -27.67
N LYS B 38 -6.99 0.64 -28.51
CA LYS B 38 -6.02 -0.33 -28.96
C LYS B 38 -5.26 -0.87 -27.75
N VAL B 39 -5.41 -2.18 -27.49
CA VAL B 39 -4.76 -2.81 -26.35
C VAL B 39 -3.23 -2.73 -26.48
N ASP B 40 -2.58 -2.38 -25.37
CA ASP B 40 -1.13 -2.24 -25.33
C ASP B 40 -0.46 -3.57 -25.05
N MET B 41 -0.20 -4.35 -26.10
CA MET B 41 0.35 -5.69 -25.93
C MET B 41 1.83 -5.65 -25.57
N ALA B 42 2.47 -4.50 -25.77
CA ALA B 42 3.86 -4.33 -25.35
C ALA B 42 3.94 -4.41 -23.84
N ALA B 43 2.99 -3.74 -23.18
CA ALA B 43 2.92 -3.80 -21.72
C ALA B 43 2.53 -5.21 -21.27
N MET B 44 1.57 -5.81 -21.97
CA MET B 44 1.10 -7.15 -21.61
C MET B 44 2.18 -8.21 -21.81
N ASN B 45 3.12 -7.94 -22.73
CA ASN B 45 4.23 -8.86 -22.99
C ASN B 45 5.49 -8.46 -22.22
N TRP B 46 5.30 -7.75 -21.12
CA TRP B 46 6.39 -7.37 -20.23
C TRP B 46 7.19 -8.59 -19.79
N ASN B 47 6.50 -9.60 -19.28
CA ASN B 47 7.10 -10.91 -19.06
C ASN B 47 6.03 -11.99 -19.18
N ASP B 48 6.41 -13.24 -18.93
CA ASP B 48 5.45 -14.35 -19.02
C ASP B 48 4.63 -14.52 -17.75
N LYS B 49 4.74 -13.55 -16.83
CA LYS B 49 3.96 -13.53 -15.60
C LYS B 49 3.13 -12.25 -15.53
N THR B 50 2.79 -11.70 -16.69
CA THR B 50 2.01 -10.48 -16.79
C THR B 50 0.59 -10.79 -17.25
N TYR B 51 -0.39 -10.24 -16.54
CA TYR B 51 -1.79 -10.47 -16.85
C TYR B 51 -2.63 -9.21 -16.64
N TYR B 52 -3.85 -9.24 -17.15
CA TYR B 52 -4.84 -8.22 -16.84
C TYR B 52 -6.09 -8.86 -16.25
N VAL B 53 -6.70 -8.19 -15.29
CA VAL B 53 -7.98 -8.62 -14.73
C VAL B 53 -8.99 -7.49 -14.90
N GLY B 54 -10.11 -7.80 -15.54
CA GLY B 54 -11.17 -6.84 -15.74
C GLY B 54 -12.48 -7.54 -16.00
N PHE B 55 -13.25 -6.99 -16.93
CA PHE B 55 -14.54 -7.58 -17.29
C PHE B 55 -14.78 -7.38 -18.78
N ASP B 56 -15.76 -8.10 -19.34
CA ASP B 56 -16.13 -7.96 -20.74
C ASP B 56 -16.82 -6.62 -20.93
N ALA B 57 -16.02 -5.56 -21.09
CA ALA B 57 -16.53 -4.20 -21.06
C ALA B 57 -17.44 -3.91 -22.24
N LYS B 58 -17.11 -4.46 -23.39
CA LYS B 58 -17.87 -4.19 -24.61
C LYS B 58 -19.25 -4.81 -24.50
N PHE B 59 -19.33 -6.06 -24.07
CA PHE B 59 -20.61 -6.71 -23.91
C PHE B 59 -21.42 -6.00 -22.83
N GLY B 60 -20.72 -5.54 -21.79
CA GLY B 60 -21.36 -4.81 -20.71
C GLY B 60 -22.03 -3.55 -21.22
N GLY B 61 -21.39 -2.87 -22.16
CA GLY B 61 -21.96 -1.68 -22.76
C GLY B 61 -23.24 -2.03 -23.51
N SER B 62 -23.19 -3.13 -24.25
CA SER B 62 -24.37 -3.62 -24.96
C SER B 62 -25.50 -3.92 -23.97
N ILE B 63 -25.15 -4.49 -22.83
CA ILE B 63 -26.12 -4.83 -21.81
C ILE B 63 -26.81 -3.57 -21.29
N GLN B 64 -26.04 -2.51 -21.05
CA GLN B 64 -26.62 -1.28 -20.53
C GLN B 64 -27.60 -0.73 -21.54
N GLY B 65 -27.23 -0.78 -22.82
CA GLY B 65 -28.10 -0.33 -23.89
C GLY B 65 -29.37 -1.14 -23.93
N LYS B 66 -29.23 -2.46 -23.89
CA LYS B 66 -30.36 -3.37 -24.00
C LYS B 66 -31.31 -3.21 -22.81
N MET B 67 -30.75 -2.96 -21.64
CA MET B 67 -31.53 -2.73 -20.43
C MET B 67 -32.45 -1.53 -20.61
N ILE B 68 -31.92 -0.47 -21.21
CA ILE B 68 -32.69 0.73 -21.47
C ILE B 68 -33.77 0.48 -22.52
N LEU B 69 -33.45 -0.29 -23.57
CA LEU B 69 -34.42 -0.60 -24.60
C LEU B 69 -35.57 -1.46 -24.04
N ASP B 70 -35.23 -2.44 -23.20
CA ASP B 70 -36.26 -3.28 -22.60
C ASP B 70 -37.19 -2.44 -21.73
N PHE B 71 -36.63 -1.48 -21.01
CA PHE B 71 -37.44 -0.60 -20.17
C PHE B 71 -38.41 0.21 -21.03
N LEU B 72 -37.89 0.79 -22.12
CA LEU B 72 -38.72 1.57 -23.01
C LEU B 72 -39.80 0.71 -23.65
N ALA B 73 -39.41 -0.47 -24.13
CA ALA B 73 -40.36 -1.38 -24.77
C ALA B 73 -41.51 -1.75 -23.85
N SER B 74 -41.20 -1.97 -22.58
CA SER B 74 -42.20 -2.39 -21.59
C SER B 74 -43.00 -1.21 -21.04
N SER B 75 -42.65 0.00 -21.48
CA SER B 75 -43.27 1.20 -20.96
C SER B 75 -44.54 1.58 -21.71
N GLU B 76 -45.40 2.34 -21.04
CA GLU B 76 -46.56 2.94 -21.66
C GLU B 76 -46.15 4.24 -22.33
N SER B 77 -47.06 4.86 -23.08
CA SER B 77 -46.76 6.11 -23.76
C SER B 77 -46.43 7.24 -22.77
N SER B 78 -46.77 7.03 -21.50
CA SER B 78 -46.60 8.05 -20.48
C SER B 78 -45.13 8.36 -20.17
N VAL B 79 -44.21 7.49 -20.57
CA VAL B 79 -42.79 7.77 -20.36
C VAL B 79 -42.34 8.90 -21.28
N ASP B 80 -43.13 9.13 -22.34
CA ASP B 80 -43.01 10.35 -23.13
C ASP B 80 -43.76 11.44 -22.38
N ARG B 81 -43.08 12.08 -21.44
CA ARG B 81 -43.71 12.97 -20.47
C ARG B 81 -44.45 14.15 -21.11
N ASN B 82 -43.84 14.78 -22.11
CA ASN B 82 -44.46 15.95 -22.75
C ASN B 82 -45.33 15.57 -23.96
N GLY B 83 -45.28 14.30 -24.35
CA GLY B 83 -46.14 13.78 -25.40
C GLY B 83 -45.80 14.26 -26.80
N ASP B 84 -44.54 14.56 -27.07
CA ASP B 84 -44.13 15.08 -28.37
C ASP B 84 -43.62 13.99 -29.32
N GLY B 85 -43.86 12.73 -28.98
CA GLY B 85 -43.44 11.62 -29.81
C GLY B 85 -41.93 11.43 -29.85
N ILE B 86 -41.23 12.10 -28.94
CA ILE B 86 -39.78 12.02 -28.85
C ILE B 86 -39.35 11.57 -27.47
N ILE B 87 -38.48 10.55 -27.41
CA ILE B 87 -37.84 10.17 -26.16
C ILE B 87 -36.54 10.95 -26.00
N GLY B 88 -36.59 12.03 -25.23
CA GLY B 88 -35.42 12.85 -24.99
C GLY B 88 -34.63 12.32 -23.81
N TYR B 89 -33.30 12.35 -23.92
CA TYR B 89 -32.45 11.91 -22.81
C TYR B 89 -31.20 12.75 -22.66
N VAL B 90 -30.65 12.73 -21.45
CA VAL B 90 -29.38 13.37 -21.13
C VAL B 90 -28.39 12.31 -20.69
N LEU B 91 -27.13 12.49 -21.06
CA LEU B 91 -26.09 11.49 -20.87
C LEU B 91 -24.94 12.04 -20.05
N CYS B 92 -24.60 11.35 -18.96
CA CYS B 92 -23.44 11.70 -18.16
C CYS B 92 -22.21 10.93 -18.63
N ILE B 93 -21.29 11.64 -19.26
CA ILE B 93 -20.06 11.03 -19.77
C ILE B 93 -18.96 11.14 -18.72
N GLY B 94 -18.22 10.04 -18.53
CA GLY B 94 -17.17 9.98 -17.53
C GLY B 94 -15.79 10.17 -18.12
N ASP B 95 -15.02 9.09 -18.15
CA ASP B 95 -13.62 9.13 -18.57
C ASP B 95 -13.49 8.86 -20.07
N VAL B 96 -13.20 9.91 -20.83
CA VAL B 96 -13.10 9.80 -22.29
C VAL B 96 -11.79 9.14 -22.74
N GLY B 97 -10.93 8.81 -21.79
CA GLY B 97 -9.68 8.13 -22.09
C GLY B 97 -9.68 6.69 -21.63
N HIS B 98 -10.82 6.23 -21.14
CA HIS B 98 -10.95 4.89 -20.58
C HIS B 98 -11.87 4.03 -21.46
N ASN B 99 -11.30 3.00 -22.07
CA ASN B 99 -12.04 2.18 -23.04
C ASN B 99 -13.32 1.58 -22.46
N ASP B 100 -13.24 1.06 -21.24
CA ASP B 100 -14.40 0.43 -20.61
C ASP B 100 -15.53 1.43 -20.38
N SER B 101 -15.18 2.70 -20.19
CA SER B 101 -16.17 3.74 -19.97
C SER B 101 -16.78 4.21 -21.28
N LYS B 102 -15.95 4.36 -22.30
CA LYS B 102 -16.40 4.88 -23.59
C LYS B 102 -17.36 3.92 -24.28
N VAL B 103 -17.15 2.62 -24.10
CA VAL B 103 -17.94 1.62 -24.79
C VAL B 103 -19.37 1.56 -24.22
N ARG B 104 -19.58 2.18 -23.05
CA ARG B 104 -20.92 2.30 -22.51
C ARG B 104 -21.68 3.39 -23.25
N THR B 105 -20.98 4.49 -23.56
CA THR B 105 -21.55 5.54 -24.39
C THR B 105 -21.91 4.96 -25.75
N GLU B 106 -21.01 4.17 -26.31
CA GLU B 106 -21.25 3.55 -27.61
C GLU B 106 -22.45 2.61 -27.52
N GLY B 107 -22.51 1.84 -26.44
CA GLY B 107 -23.57 0.89 -26.22
C GLY B 107 -24.96 1.53 -26.24
N ILE B 108 -25.15 2.55 -25.41
CA ILE B 108 -26.46 3.15 -25.28
C ILE B 108 -26.81 3.92 -26.55
N ARG B 109 -25.82 4.55 -27.18
CA ARG B 109 -26.06 5.34 -28.38
C ARG B 109 -26.43 4.47 -29.57
N ARG B 110 -25.69 3.38 -29.75
CA ARG B 110 -26.02 2.41 -30.79
C ARG B 110 -27.40 1.81 -30.53
N ALA B 111 -27.66 1.46 -29.27
CA ALA B 111 -28.94 0.89 -28.88
C ALA B 111 -30.09 1.82 -29.23
N LEU B 112 -29.90 3.11 -29.00
CA LEU B 112 -30.93 4.11 -29.22
C LEU B 112 -30.91 4.69 -30.63
N GLY B 113 -29.90 4.31 -31.41
CA GLY B 113 -29.80 4.74 -32.79
C GLY B 113 -29.27 6.16 -32.95
N THR B 114 -28.59 6.65 -31.92
CA THR B 114 -28.07 8.01 -31.92
C THR B 114 -26.57 8.04 -32.22
N TRP B 115 -25.97 6.87 -32.37
CA TRP B 115 -24.54 6.74 -32.59
C TRP B 115 -24.13 7.27 -33.96
N THR B 116 -23.00 7.96 -34.01
CA THR B 116 -22.47 8.51 -35.25
C THR B 116 -20.99 8.16 -35.44
N GLY B 117 -20.44 7.35 -34.54
CA GLY B 117 -19.07 6.88 -34.67
C GLY B 117 -18.15 7.37 -33.55
N SER B 118 -18.61 8.34 -32.77
CA SER B 118 -17.80 8.94 -31.71
C SER B 118 -18.47 8.84 -30.34
N SER B 119 -17.69 8.49 -29.33
CA SER B 119 -18.19 8.36 -27.96
C SER B 119 -18.01 9.66 -27.16
N ASP B 120 -17.58 10.71 -27.85
CA ASP B 120 -17.37 12.01 -27.20
C ASP B 120 -18.69 12.74 -26.99
N PRO B 121 -18.71 13.71 -26.07
CA PRO B 121 -19.90 14.55 -25.87
C PRO B 121 -20.26 15.35 -27.13
N GLY B 122 -21.55 15.62 -27.30
CA GLY B 122 -22.03 16.43 -28.41
C GLY B 122 -22.13 15.68 -29.73
N GLN B 123 -21.68 14.43 -29.75
CA GLN B 123 -21.73 13.61 -30.97
C GLN B 123 -22.92 12.67 -30.92
N ALA B 124 -24.00 13.08 -31.58
CA ALA B 124 -25.22 12.28 -31.61
C ALA B 124 -26.12 12.71 -32.76
N LYS B 125 -26.82 11.74 -33.34
CA LYS B 125 -27.85 12.01 -34.34
C LYS B 125 -29.19 11.57 -33.77
N GLU B 126 -30.27 11.90 -34.47
CA GLU B 126 -31.59 11.46 -34.05
C GLU B 126 -31.69 9.95 -34.17
N GLY B 127 -32.25 9.32 -33.13
CA GLY B 127 -32.37 7.88 -33.09
C GLY B 127 -33.81 7.41 -33.13
N GLN B 128 -34.03 6.17 -32.72
CA GLN B 128 -35.34 5.55 -32.77
C GLN B 128 -35.43 4.41 -31.76
N ALA B 129 -36.58 4.29 -31.10
CA ALA B 129 -36.78 3.24 -30.12
C ALA B 129 -38.26 2.89 -29.97
N VAL B 130 -38.52 1.66 -29.56
CA VAL B 130 -39.89 1.17 -29.41
C VAL B 130 -40.41 1.41 -28.00
N VAL B 131 -41.58 2.04 -27.92
CA VAL B 131 -42.28 2.26 -26.67
C VAL B 131 -43.74 1.85 -26.82
N GLY B 132 -44.13 0.77 -26.16
CA GLY B 132 -45.49 0.29 -26.19
C GLY B 132 -45.95 -0.17 -27.56
N GLY B 133 -45.02 -0.72 -28.34
CA GLY B 133 -45.33 -1.27 -29.65
C GLY B 133 -45.38 -0.23 -30.75
N LYS B 134 -45.00 1.01 -30.42
CA LYS B 134 -44.95 2.10 -31.39
C LYS B 134 -43.54 2.67 -31.49
N SER B 135 -43.17 3.11 -32.69
CA SER B 135 -41.86 3.71 -32.90
C SER B 135 -41.83 5.15 -32.42
N TYR B 136 -40.79 5.47 -31.65
CA TYR B 136 -40.58 6.83 -31.15
C TYR B 136 -39.23 7.34 -31.64
N LYS B 137 -39.15 8.63 -31.93
CA LYS B 137 -37.87 9.26 -32.21
C LYS B 137 -37.09 9.36 -30.90
N VAL B 138 -35.76 9.41 -31.01
CA VAL B 138 -34.90 9.58 -29.85
C VAL B 138 -33.92 10.73 -30.08
N VAL B 139 -33.82 11.61 -29.11
CA VAL B 139 -32.92 12.75 -29.17
C VAL B 139 -32.04 12.82 -27.94
N GLU B 140 -30.74 12.86 -28.15
CA GLU B 140 -29.80 13.13 -27.06
C GLU B 140 -29.79 14.63 -26.80
N LEU B 141 -30.57 15.05 -25.82
CA LEU B 141 -30.70 16.48 -25.49
C LEU B 141 -29.33 17.07 -25.22
N GLU B 142 -28.55 16.37 -24.40
CA GLU B 142 -27.15 16.71 -24.20
C GLU B 142 -26.38 15.53 -23.62
N GLY B 143 -25.18 15.32 -24.15
CA GLY B 143 -24.23 14.36 -23.60
C GLY B 143 -23.00 15.14 -23.19
N LYS B 144 -22.71 15.13 -21.89
CA LYS B 144 -21.71 16.02 -21.31
C LYS B 144 -20.74 15.28 -20.40
N ALA B 145 -19.45 15.59 -20.55
CA ALA B 145 -18.43 15.05 -19.67
C ALA B 145 -18.49 15.76 -18.33
N MET B 146 -18.65 14.99 -17.25
CA MET B 146 -18.75 15.57 -15.92
C MET B 146 -17.38 15.79 -15.31
N THR B 147 -16.63 16.71 -15.90
CA THR B 147 -15.27 17.02 -15.47
C THR B 147 -15.26 18.27 -14.59
N GLY B 148 -14.60 18.17 -13.43
CA GLY B 148 -14.42 19.32 -12.56
C GLY B 148 -13.28 20.20 -13.06
N THR B 149 -13.27 21.45 -12.64
CA THR B 149 -12.24 22.39 -13.07
C THR B 149 -10.87 22.01 -12.51
N ASP B 150 -10.85 21.20 -11.47
CA ASP B 150 -9.59 20.72 -10.90
C ASP B 150 -8.96 19.66 -11.81
N GLY B 151 -9.73 19.21 -12.79
CA GLY B 151 -9.27 18.19 -13.73
C GLY B 151 -9.83 16.82 -13.43
N SER B 152 -10.62 16.72 -12.35
CA SER B 152 -11.20 15.45 -11.93
C SER B 152 -12.23 14.96 -12.93
N THR B 153 -12.20 13.65 -13.21
CA THR B 153 -13.11 13.06 -14.19
C THR B 153 -14.28 12.37 -13.50
N ALA B 154 -15.43 12.33 -14.18
CA ALA B 154 -16.65 11.73 -13.63
C ALA B 154 -16.98 12.31 -12.26
N ASN B 155 -16.81 13.63 -12.12
CA ASN B 155 -17.04 14.30 -10.85
C ASN B 155 -18.51 14.30 -10.47
N THR B 156 -18.81 13.70 -9.32
CA THR B 156 -20.19 13.47 -8.91
C THR B 156 -20.92 14.77 -8.57
N ASN B 157 -20.16 15.80 -8.20
CA ASN B 157 -20.75 17.10 -7.90
C ASN B 157 -21.12 17.84 -9.18
N SER B 158 -20.33 17.65 -10.23
CA SER B 158 -20.65 18.21 -11.53
C SER B 158 -21.93 17.58 -12.09
N ALA B 159 -22.15 16.31 -11.76
CA ALA B 159 -23.35 15.60 -12.19
C ALA B 159 -24.59 16.21 -11.53
N THR B 160 -24.49 16.47 -10.23
CA THR B 160 -25.58 17.09 -9.50
C THR B 160 -25.94 18.44 -10.09
N GLU B 161 -24.92 19.29 -10.25
CA GLU B 161 -25.11 20.62 -10.83
C GLU B 161 -25.64 20.52 -12.27
N SER B 162 -25.07 19.61 -13.07
CA SER B 162 -25.50 19.44 -14.45
C SER B 162 -26.94 18.98 -14.53
N MET B 163 -27.29 18.01 -13.68
CA MET B 163 -28.65 17.48 -13.66
C MET B 163 -29.63 18.60 -13.30
N GLY B 164 -29.27 19.40 -12.31
CA GLY B 164 -30.12 20.50 -11.89
C GLY B 164 -30.37 21.49 -13.01
N SER B 165 -29.31 21.81 -13.75
CA SER B 165 -29.40 22.73 -14.87
C SER B 165 -30.20 22.14 -16.01
N TRP B 166 -30.02 20.84 -16.24
CA TRP B 166 -30.76 20.13 -17.29
C TRP B 166 -32.26 20.20 -17.03
N VAL B 167 -32.67 19.95 -15.79
CA VAL B 167 -34.08 19.98 -15.43
C VAL B 167 -34.62 21.39 -15.63
N ALA B 168 -33.81 22.39 -15.30
CA ALA B 168 -34.22 23.77 -15.44
C ALA B 168 -34.38 24.16 -16.92
N LYS B 169 -33.49 23.65 -17.77
CA LYS B 169 -33.45 24.05 -19.17
C LYS B 169 -34.36 23.18 -20.04
N PHE B 170 -34.16 21.87 -20.01
CA PHE B 170 -34.92 20.96 -20.86
C PHE B 170 -36.25 20.55 -20.23
N ALA B 171 -36.30 20.53 -18.91
CA ALA B 171 -37.53 20.27 -18.15
C ALA B 171 -38.32 19.08 -18.70
N ASP B 172 -39.52 19.33 -19.21
CA ASP B 172 -40.42 18.25 -19.60
C ASP B 172 -39.97 17.48 -20.83
N LYS B 173 -38.90 17.93 -21.46
CA LYS B 173 -38.34 17.21 -22.61
C LYS B 173 -37.55 15.98 -22.19
N ILE B 174 -37.06 15.99 -20.96
CA ILE B 174 -36.23 14.89 -20.45
C ILE B 174 -37.11 13.70 -20.06
N ASP B 175 -36.94 12.59 -20.78
CA ASP B 175 -37.72 11.38 -20.53
C ASP B 175 -36.89 10.29 -19.85
N LEU B 176 -35.55 10.41 -19.92
CA LEU B 176 -34.69 9.53 -19.14
C LEU B 176 -33.27 10.09 -19.00
N VAL B 177 -32.58 9.62 -17.96
CA VAL B 177 -31.19 9.99 -17.71
C VAL B 177 -30.31 8.75 -17.88
N ILE B 178 -29.15 8.92 -18.50
CA ILE B 178 -28.21 7.82 -18.71
C ILE B 178 -26.82 8.22 -18.25
N SER B 179 -26.14 7.31 -17.57
CA SER B 179 -24.82 7.60 -17.02
C SER B 179 -23.83 6.47 -17.25
N ASN B 180 -22.58 6.84 -17.54
CA ASN B 180 -21.50 5.87 -17.69
C ASN B 180 -21.23 5.09 -16.39
N ASN B 181 -21.63 5.63 -15.24
CA ASN B 181 -21.48 4.89 -13.99
C ASN B 181 -22.46 5.28 -12.89
N ASP B 182 -22.45 4.50 -11.81
CA ASP B 182 -23.34 4.72 -10.67
C ASP B 182 -23.02 6.03 -9.95
N GLY B 183 -21.74 6.34 -9.80
CA GLY B 183 -21.31 7.54 -9.10
C GLY B 183 -22.02 8.78 -9.62
N MET B 184 -21.98 8.99 -10.93
CA MET B 184 -22.61 10.14 -11.54
C MET B 184 -24.12 10.03 -11.47
N ALA B 185 -24.65 8.82 -11.66
CA ALA B 185 -26.08 8.60 -11.61
C ALA B 185 -26.65 8.98 -10.25
N MET B 186 -25.98 8.56 -9.18
CA MET B 186 -26.42 8.92 -7.84
C MET B 186 -26.27 10.42 -7.63
N GLY B 187 -25.25 11.00 -8.27
CA GLY B 187 -25.07 12.45 -8.24
C GLY B 187 -26.25 13.18 -8.87
N CYS B 188 -26.77 12.66 -9.98
CA CYS B 188 -27.93 13.26 -10.61
C CYS B 188 -29.13 13.26 -9.66
N LEU B 189 -29.30 12.17 -8.94
CA LEU B 189 -30.42 12.01 -8.02
C LEU B 189 -30.32 12.96 -6.82
N GLN B 190 -29.16 13.59 -6.63
CA GLN B 190 -29.00 14.59 -5.58
C GLN B 190 -29.58 15.94 -5.98
N ALA B 191 -29.87 16.12 -7.26
CA ALA B 191 -30.44 17.37 -7.75
C ALA B 191 -31.75 17.66 -7.01
N SER B 192 -31.83 18.83 -6.39
CA SER B 192 -33.00 19.20 -5.59
C SER B 192 -34.28 19.21 -6.43
N ASN B 193 -34.16 19.46 -7.73
CA ASN B 193 -35.32 19.52 -8.61
C ASN B 193 -35.47 18.27 -9.49
N TYR B 194 -34.86 17.16 -9.07
CA TYR B 194 -34.96 15.94 -9.87
C TYR B 194 -36.43 15.49 -9.94
N PRO B 195 -36.97 15.37 -11.16
CA PRO B 195 -38.37 14.92 -11.27
C PRO B 195 -38.58 13.53 -10.68
N ARG B 196 -39.51 13.43 -9.74
CA ARG B 196 -39.81 12.19 -9.05
C ARG B 196 -40.24 11.10 -10.01
N GLY B 197 -39.47 10.02 -10.08
CA GLY B 197 -39.79 8.89 -10.93
C GLY B 197 -39.11 8.92 -12.29
N LEU B 198 -38.43 10.02 -12.60
CA LEU B 198 -37.72 10.13 -13.88
C LEU B 198 -36.75 8.96 -14.04
N PRO B 199 -36.95 8.14 -15.10
CA PRO B 199 -36.06 7.00 -15.32
C PRO B 199 -34.58 7.37 -15.43
N ILE B 200 -33.72 6.59 -14.78
CA ILE B 200 -32.29 6.86 -14.81
C ILE B 200 -31.50 5.56 -14.68
N PHE B 201 -30.39 5.46 -15.41
CA PHE B 201 -29.61 4.24 -15.49
C PHE B 201 -28.13 4.50 -15.25
N GLY B 202 -27.49 3.59 -14.50
CA GLY B 202 -26.08 3.69 -14.18
C GLY B 202 -25.31 2.43 -14.50
N TYR B 203 -24.17 2.27 -13.84
CA TYR B 203 -23.28 1.13 -14.10
C TYR B 203 -22.31 0.95 -12.94
N ASP B 204 -22.20 -0.29 -12.45
CA ASP B 204 -21.23 -0.77 -11.44
C ASP B 204 -21.92 -1.61 -10.38
N ALA B 205 -23.20 -1.32 -10.12
CA ALA B 205 -23.93 -1.96 -9.05
C ALA B 205 -23.26 -1.72 -7.70
N ASN B 206 -22.86 -0.48 -7.44
CA ASN B 206 -22.38 -0.10 -6.12
C ASN B 206 -23.53 -0.28 -5.11
N ALA B 207 -23.18 -0.42 -3.84
CA ALA B 207 -24.16 -0.73 -2.81
C ALA B 207 -25.29 0.29 -2.76
N ASP B 208 -24.95 1.56 -2.86
CA ASP B 208 -25.96 2.61 -2.78
C ASP B 208 -26.83 2.63 -4.04
N ALA B 209 -26.24 2.25 -5.17
CA ALA B 209 -26.98 2.21 -6.43
C ALA B 209 -28.00 1.07 -6.40
N VAL B 210 -27.57 -0.09 -5.90
CA VAL B 210 -28.44 -1.26 -5.81
C VAL B 210 -29.61 -0.99 -4.86
N GLU B 211 -29.32 -0.32 -3.75
CA GLU B 211 -30.37 0.05 -2.80
C GLU B 211 -31.37 1.01 -3.44
N SER B 212 -30.85 1.97 -4.19
CA SER B 212 -31.70 2.94 -4.89
C SER B 212 -32.65 2.25 -5.86
N VAL B 213 -32.16 1.21 -6.52
CA VAL B 213 -32.99 0.41 -7.43
C VAL B 213 -34.14 -0.24 -6.65
N GLY B 214 -33.82 -0.72 -5.45
CA GLY B 214 -34.84 -1.31 -4.59
C GLY B 214 -35.88 -0.30 -4.15
N LYS B 215 -35.48 0.95 -4.03
CA LYS B 215 -36.39 2.01 -3.60
C LYS B 215 -37.21 2.54 -4.78
N GLY B 216 -36.90 2.06 -5.98
CA GLY B 216 -37.63 2.50 -7.17
C GLY B 216 -37.20 3.86 -7.66
N GLU B 217 -36.01 4.30 -7.27
CA GLU B 217 -35.46 5.57 -7.73
C GLU B 217 -34.60 5.33 -8.96
N LEU B 218 -33.38 4.84 -8.76
CA LEU B 218 -32.54 4.42 -9.88
C LEU B 218 -33.26 3.29 -10.60
N THR B 219 -33.38 3.40 -11.92
CA THR B 219 -34.18 2.44 -12.67
C THR B 219 -33.41 1.15 -12.93
N GLY B 220 -32.10 1.25 -13.05
CA GLY B 220 -31.27 0.07 -13.27
C GLY B 220 -29.80 0.39 -13.30
N THR B 221 -28.98 -0.63 -13.07
CA THR B 221 -27.53 -0.51 -13.16
C THR B 221 -26.97 -1.83 -13.71
N VAL B 222 -25.65 -1.97 -13.73
CA VAL B 222 -25.02 -3.19 -14.24
C VAL B 222 -23.87 -3.64 -13.35
N SER B 223 -23.94 -4.88 -12.88
CA SER B 223 -22.86 -5.46 -12.10
C SER B 223 -21.75 -5.94 -13.03
N GLN B 224 -20.51 -5.66 -12.66
CA GLN B 224 -19.36 -6.17 -13.40
C GLN B 224 -18.60 -7.21 -12.57
N ASN B 225 -19.28 -7.79 -11.58
CA ASN B 225 -18.69 -8.80 -10.71
C ASN B 225 -17.34 -8.37 -10.14
N VAL B 226 -17.32 -7.22 -9.48
CA VAL B 226 -16.11 -6.65 -8.92
C VAL B 226 -15.44 -7.62 -7.94
N ASP B 227 -16.25 -8.39 -7.21
CA ASP B 227 -15.71 -9.36 -6.26
C ASP B 227 -14.86 -10.41 -6.96
N ALA B 228 -15.37 -10.93 -8.08
CA ALA B 228 -14.65 -11.95 -8.83
C ALA B 228 -13.31 -11.40 -9.33
N GLN B 229 -13.33 -10.16 -9.80
CA GLN B 229 -12.11 -9.50 -10.26
C GLN B 229 -11.10 -9.38 -9.12
N ALA B 230 -11.57 -8.93 -7.97
CA ALA B 230 -10.72 -8.76 -6.79
C ALA B 230 -10.02 -10.06 -6.43
N VAL B 231 -10.79 -11.14 -6.35
CA VAL B 231 -10.22 -12.46 -6.07
C VAL B 231 -9.26 -12.90 -7.15
N ALA B 232 -9.65 -12.72 -8.41
CA ALA B 232 -8.83 -13.18 -9.53
C ALA B 232 -7.46 -12.52 -9.51
N VAL B 233 -7.41 -11.23 -9.18
CA VAL B 233 -6.14 -10.52 -9.06
C VAL B 233 -5.25 -11.21 -8.04
N LEU B 234 -5.81 -11.49 -6.86
CA LEU B 234 -5.08 -12.14 -5.80
C LEU B 234 -4.73 -13.59 -6.14
N GLN B 235 -5.69 -14.31 -6.72
CA GLN B 235 -5.51 -15.73 -7.02
C GLN B 235 -4.47 -15.97 -8.12
N ILE B 236 -4.46 -15.12 -9.14
CA ILE B 236 -3.45 -15.24 -10.20
C ILE B 236 -2.06 -15.06 -9.59
N ILE B 237 -1.92 -14.07 -8.72
CA ILE B 237 -0.65 -13.83 -8.05
C ILE B 237 -0.27 -15.05 -7.19
N ARG B 238 -1.24 -15.59 -6.44
CA ARG B 238 -0.99 -16.78 -5.62
C ARG B 238 -0.51 -17.94 -6.46
N ASN B 239 -1.16 -18.16 -7.61
CA ASN B 239 -0.81 -19.27 -8.48
C ASN B 239 0.62 -19.18 -8.98
N LEU B 240 1.00 -18.00 -9.46
CA LEU B 240 2.34 -17.78 -10.01
C LEU B 240 3.42 -17.95 -8.94
N LEU B 241 3.17 -17.40 -7.76
CA LEU B 241 4.17 -17.42 -6.69
C LEU B 241 4.29 -18.79 -6.03
N ASP B 242 3.31 -19.67 -6.27
CA ASP B 242 3.34 -21.03 -5.73
C ASP B 242 3.91 -22.00 -6.77
N GLY B 243 4.36 -21.48 -7.90
CA GLY B 243 5.08 -22.26 -8.89
C GLY B 243 4.27 -22.73 -10.08
N SER B 244 3.06 -22.22 -10.23
CA SER B 244 2.19 -22.61 -11.35
C SER B 244 2.66 -21.95 -12.64
N SER B 245 2.45 -22.64 -13.75
CA SER B 245 2.78 -22.12 -15.07
C SER B 245 1.74 -22.56 -16.09
N GLY B 246 1.73 -21.87 -17.23
CA GLY B 246 0.81 -22.22 -18.31
C GLY B 246 -0.65 -22.08 -17.92
N GLU B 247 -1.44 -23.09 -18.27
CA GLU B 247 -2.88 -23.06 -18.08
C GLU B 247 -3.27 -23.05 -16.60
N ASP B 248 -2.47 -23.68 -15.75
CA ASP B 248 -2.77 -23.78 -14.32
C ASP B 248 -2.92 -22.42 -13.67
N VAL B 249 -2.22 -21.43 -14.21
CA VAL B 249 -2.27 -20.07 -13.67
C VAL B 249 -3.69 -19.52 -13.68
N VAL B 250 -4.39 -19.71 -14.80
CA VAL B 250 -5.73 -19.13 -14.97
C VAL B 250 -6.84 -20.08 -14.52
N ALA B 251 -6.47 -21.32 -14.19
CA ALA B 251 -7.45 -22.33 -13.81
C ALA B 251 -7.57 -22.48 -12.29
N ASN B 252 -6.43 -22.62 -11.61
CA ASN B 252 -6.42 -22.86 -10.18
C ASN B 252 -7.09 -21.73 -9.40
N GLY B 253 -8.16 -22.08 -8.67
CA GLY B 253 -8.88 -21.12 -7.88
C GLY B 253 -9.83 -20.25 -8.67
N ILE B 254 -9.98 -20.57 -9.96
CA ILE B 254 -10.81 -19.76 -10.86
C ILE B 254 -11.82 -20.65 -11.60
N SER B 255 -11.33 -21.50 -12.49
CA SER B 255 -12.20 -22.41 -13.25
C SER B 255 -12.39 -23.73 -12.50
N ARG B 256 -11.52 -23.98 -11.53
CA ARG B 256 -11.58 -25.20 -10.72
C ARG B 256 -10.98 -24.91 -9.35
N PRO B 257 -11.17 -25.83 -8.39
CA PRO B 257 -10.62 -25.61 -7.04
C PRO B 257 -9.09 -25.58 -7.02
N ASP B 258 -8.51 -24.64 -6.27
CA ASP B 258 -7.07 -24.59 -6.10
C ASP B 258 -6.65 -25.63 -5.06
N ALA B 259 -5.40 -25.58 -4.66
CA ALA B 259 -4.85 -26.60 -3.76
C ALA B 259 -5.54 -26.60 -2.40
N HIS B 260 -6.26 -25.53 -2.10
CA HIS B 260 -6.93 -25.38 -0.80
C HIS B 260 -8.45 -25.42 -0.91
N GLY B 261 -8.95 -25.75 -2.09
CA GLY B 261 -10.37 -25.94 -2.29
C GLY B 261 -11.11 -24.68 -2.70
N ASN B 262 -10.42 -23.55 -2.75
CA ASN B 262 -11.03 -22.29 -3.18
C ASN B 262 -11.29 -22.25 -4.67
N LYS B 263 -12.42 -21.67 -5.04
CA LYS B 263 -12.73 -21.40 -6.44
C LYS B 263 -13.70 -20.23 -6.54
N ILE B 264 -13.45 -19.34 -7.49
CA ILE B 264 -14.35 -18.22 -7.74
C ILE B 264 -15.70 -18.75 -8.22
N SER B 265 -16.77 -18.30 -7.59
CA SER B 265 -18.12 -18.76 -7.91
C SER B 265 -18.64 -18.14 -9.20
N ALA B 266 -18.53 -16.82 -9.29
CA ALA B 266 -19.00 -16.09 -10.47
C ALA B 266 -18.24 -16.56 -11.71
N PRO B 267 -18.85 -16.43 -12.89
CA PRO B 267 -18.21 -16.91 -14.11
C PRO B 267 -17.06 -16.02 -14.57
N VAL B 268 -16.07 -16.63 -15.20
CA VAL B 268 -14.87 -15.93 -15.61
C VAL B 268 -14.30 -16.52 -16.90
N GLN B 269 -13.92 -15.65 -17.83
CA GLN B 269 -13.26 -16.09 -19.06
C GLN B 269 -11.80 -15.71 -19.03
N TYR B 270 -10.99 -16.47 -19.78
CA TYR B 270 -9.62 -16.07 -20.07
C TYR B 270 -9.51 -15.79 -21.56
N TRP B 271 -9.00 -14.61 -21.89
CA TRP B 271 -8.77 -14.23 -23.28
C TRP B 271 -7.28 -14.29 -23.58
N GLU B 272 -6.87 -15.38 -24.23
CA GLU B 272 -5.46 -15.69 -24.44
C GLU B 272 -4.70 -14.58 -25.17
N ASP B 273 -5.32 -14.04 -26.21
CA ASP B 273 -4.64 -13.11 -27.10
C ASP B 273 -4.18 -11.83 -26.40
N VAL B 274 -4.90 -11.43 -25.36
CA VAL B 274 -4.55 -10.21 -24.61
C VAL B 274 -4.21 -10.52 -23.15
N LYS B 275 -4.08 -11.81 -22.83
CA LYS B 275 -3.73 -12.26 -21.48
C LYS B 275 -4.62 -11.61 -20.43
N ALA B 276 -5.94 -11.74 -20.61
CA ALA B 276 -6.90 -11.08 -19.74
C ALA B 276 -7.90 -12.07 -19.14
N ILE B 277 -8.00 -12.03 -17.81
CA ILE B 277 -9.05 -12.72 -17.09
C ILE B 277 -10.21 -11.76 -16.94
N MET B 278 -11.35 -12.10 -17.55
CA MET B 278 -12.48 -11.20 -17.66
C MET B 278 -13.75 -11.76 -17.03
N ALA B 279 -14.28 -11.05 -16.04
CA ALA B 279 -15.60 -11.35 -15.49
C ALA B 279 -16.64 -10.85 -16.48
N ASP B 280 -17.87 -11.35 -16.37
CA ASP B 280 -18.95 -10.86 -17.23
C ASP B 280 -19.91 -10.01 -16.41
N ASN B 281 -20.98 -9.57 -17.05
CA ASN B 281 -21.88 -8.57 -16.46
C ASN B 281 -23.30 -9.09 -16.26
N SER B 282 -24.10 -8.32 -15.54
CA SER B 282 -25.49 -8.64 -15.30
C SER B 282 -26.24 -7.36 -14.96
N GLU B 283 -27.34 -7.12 -15.65
CA GLU B 283 -28.14 -5.93 -15.36
C GLU B 283 -28.86 -6.11 -14.03
N VAL B 284 -28.97 -5.02 -13.29
CA VAL B 284 -29.63 -5.00 -12.00
C VAL B 284 -30.85 -4.10 -12.09
N THR B 285 -32.01 -4.67 -11.80
CA THR B 285 -33.28 -3.95 -11.87
C THR B 285 -34.18 -4.35 -10.71
N SER B 286 -35.38 -3.78 -10.70
CA SER B 286 -36.38 -4.08 -9.67
C SER B 286 -36.69 -5.57 -9.57
N ALA B 287 -36.34 -6.32 -10.61
CA ALA B 287 -36.69 -7.73 -10.69
C ALA B 287 -35.69 -8.64 -9.96
N ASN B 288 -34.46 -8.17 -9.78
CA ASN B 288 -33.39 -9.01 -9.24
C ASN B 288 -32.43 -8.28 -8.32
N TRP B 289 -32.81 -7.08 -7.87
CA TRP B 289 -31.89 -6.26 -7.09
C TRP B 289 -31.55 -6.89 -5.74
N LYS B 290 -32.49 -7.66 -5.18
CA LYS B 290 -32.27 -8.28 -3.88
C LYS B 290 -31.20 -9.36 -3.94
N GLU B 291 -30.77 -9.72 -5.15
CA GLU B 291 -29.75 -10.73 -5.34
C GLU B 291 -28.37 -10.09 -5.46
N TYR B 292 -28.28 -8.81 -5.11
CA TYR B 292 -27.01 -8.10 -5.07
C TYR B 292 -26.91 -7.33 -3.75
N THR B 293 -27.11 -8.04 -2.64
CA THR B 293 -27.13 -7.42 -1.32
C THR B 293 -25.80 -6.72 -1.03
N ARG B 294 -25.88 -5.70 -0.19
CA ARG B 294 -24.70 -4.95 0.24
C ARG B 294 -23.69 -5.86 0.93
N GLY B 295 -22.44 -5.79 0.50
CA GLY B 295 -21.34 -6.50 1.16
C GLY B 295 -21.36 -8.00 0.96
N ALA B 296 -22.03 -8.46 -0.08
CA ALA B 296 -22.09 -9.89 -0.39
C ALA B 296 -20.73 -10.39 -0.88
N ARG B 297 -20.23 -11.46 -0.25
CA ARG B 297 -18.93 -12.03 -0.61
C ARG B 297 -19.09 -13.44 -1.17
N ASP B 298 -18.06 -13.90 -1.86
CA ASP B 298 -18.07 -15.23 -2.47
C ASP B 298 -17.83 -16.31 -1.41
N ALA B 299 -18.80 -17.20 -1.27
CA ALA B 299 -18.70 -18.28 -0.29
C ALA B 299 -17.79 -19.40 -0.77
N GLY B 300 -17.31 -19.28 -2.01
CA GLY B 300 -16.39 -20.27 -2.57
C GLY B 300 -14.94 -19.97 -2.26
N VAL B 301 -14.69 -18.95 -1.44
CA VAL B 301 -13.34 -18.52 -1.09
C VAL B 301 -13.17 -18.50 0.42
N ARG B 302 -12.40 -19.46 0.93
CA ARG B 302 -12.25 -19.67 2.37
C ARG B 302 -10.92 -19.13 2.86
N GLN B 303 -10.74 -19.13 4.18
CA GLN B 303 -9.44 -18.83 4.77
C GLN B 303 -8.48 -19.96 4.42
N VAL B 304 -7.30 -19.59 3.91
CA VAL B 304 -6.30 -20.56 3.48
C VAL B 304 -5.19 -20.69 4.52
N SER B 305 -4.59 -21.87 4.59
CA SER B 305 -3.37 -22.10 5.37
C SER B 305 -2.21 -22.30 4.42
N ALA B 306 -1.66 -21.20 3.93
CA ALA B 306 -0.64 -21.21 2.89
C ALA B 306 0.42 -20.16 3.17
N PRO B 307 1.60 -20.29 2.53
CA PRO B 307 2.66 -19.32 2.85
C PRO B 307 2.32 -17.90 2.42
N THR B 308 2.56 -16.95 3.32
CA THR B 308 2.27 -15.54 3.08
C THR B 308 3.11 -14.97 1.94
N LYS B 309 2.47 -14.18 1.07
CA LYS B 309 3.15 -13.46 0.01
C LYS B 309 2.91 -11.96 0.17
N LYS B 310 3.79 -11.14 -0.43
CA LYS B 310 3.71 -9.70 -0.27
C LYS B 310 3.48 -9.00 -1.61
N VAL B 311 2.42 -8.20 -1.68
CA VAL B 311 2.03 -7.54 -2.91
C VAL B 311 1.90 -6.03 -2.71
N LEU B 312 2.50 -5.28 -3.64
CA LEU B 312 2.28 -3.84 -3.73
C LEU B 312 1.19 -3.58 -4.76
N LEU B 313 0.11 -2.94 -4.32
CA LEU B 313 -1.04 -2.66 -5.19
C LEU B 313 -1.32 -1.17 -5.27
N THR B 314 -1.50 -0.66 -6.48
CA THR B 314 -1.77 0.76 -6.69
C THR B 314 -3.24 1.02 -7.05
N VAL B 315 -3.72 2.20 -6.69
CA VAL B 315 -5.08 2.64 -7.04
C VAL B 315 -4.94 4.04 -7.65
N HIS B 316 -5.44 4.21 -8.87
CA HIS B 316 -5.18 5.43 -9.62
C HIS B 316 -5.82 6.66 -8.98
N ASN B 317 -6.91 6.45 -8.24
CA ASN B 317 -7.62 7.56 -7.61
C ASN B 317 -8.32 7.11 -6.34
N ALA B 318 -7.84 7.62 -5.21
CA ALA B 318 -8.41 7.25 -3.92
C ALA B 318 -9.84 7.74 -3.77
N SER B 319 -10.19 8.78 -4.52
CA SER B 319 -11.54 9.36 -4.44
C SER B 319 -12.52 8.71 -5.44
N ASN B 320 -12.04 7.71 -6.17
CA ASN B 320 -12.90 7.03 -7.14
C ASN B 320 -14.00 6.25 -6.43
N ASP B 321 -15.25 6.53 -6.77
CA ASP B 321 -16.40 5.92 -6.10
C ASP B 321 -16.39 4.40 -6.18
N PHE B 322 -16.23 3.86 -7.38
CA PHE B 322 -16.24 2.43 -7.59
C PHE B 322 -15.10 1.74 -6.85
N LEU B 323 -13.89 2.26 -7.01
CA LEU B 323 -12.72 1.63 -6.42
C LEU B 323 -12.69 1.77 -4.90
N ALA B 324 -13.20 2.89 -4.39
CA ALA B 324 -13.22 3.15 -2.95
C ALA B 324 -14.36 2.41 -2.26
N SER B 325 -15.50 2.30 -2.92
CA SER B 325 -16.71 1.75 -2.31
C SER B 325 -16.84 0.24 -2.48
N ALA B 326 -16.30 -0.28 -3.59
CA ALA B 326 -16.54 -1.68 -3.95
C ALA B 326 -15.24 -2.48 -4.12
N TYR B 327 -14.33 -1.98 -4.95
CA TYR B 327 -13.15 -2.77 -5.29
C TYR B 327 -12.19 -2.92 -4.11
N LEU B 328 -11.84 -1.81 -3.46
CA LEU B 328 -10.87 -1.88 -2.36
C LEU B 328 -11.38 -2.68 -1.16
N PRO B 329 -12.64 -2.44 -0.74
CA PRO B 329 -13.21 -3.28 0.32
C PRO B 329 -13.20 -4.76 -0.04
N ALA B 330 -13.42 -5.08 -1.31
CA ALA B 330 -13.36 -6.47 -1.76
C ALA B 330 -11.94 -7.01 -1.58
N LEU B 331 -10.95 -6.26 -2.05
CA LEU B 331 -9.56 -6.69 -1.95
C LEU B 331 -9.14 -6.91 -0.50
N LYS B 332 -9.60 -6.03 0.38
CA LYS B 332 -9.20 -6.09 1.79
C LYS B 332 -9.87 -7.25 2.52
N HIS B 333 -10.99 -7.72 1.97
CA HIS B 333 -11.68 -8.88 2.52
C HIS B 333 -11.00 -10.18 2.09
N TYR B 334 -10.60 -10.24 0.82
CA TYR B 334 -10.11 -11.49 0.23
C TYR B 334 -8.62 -11.73 0.47
N ALA B 335 -7.83 -10.65 0.51
CA ALA B 335 -6.38 -10.77 0.64
C ALA B 335 -5.97 -11.57 1.88
N PRO B 336 -6.50 -11.20 3.07
CA PRO B 336 -6.15 -11.99 4.25
C PRO B 336 -6.55 -13.46 4.14
N LEU B 337 -7.69 -13.74 3.51
CA LEU B 337 -8.14 -15.12 3.33
C LEU B 337 -7.17 -15.92 2.46
N LEU B 338 -6.55 -15.23 1.51
CA LEU B 338 -5.59 -15.86 0.61
C LEU B 338 -4.15 -15.66 1.09
N ASN B 339 -4.00 -15.16 2.32
CA ASN B 339 -2.69 -14.88 2.90
C ASN B 339 -1.81 -14.04 1.98
N VAL B 340 -2.37 -12.94 1.49
CA VAL B 340 -1.63 -11.95 0.75
C VAL B 340 -1.48 -10.69 1.59
N ASP B 341 -0.25 -10.38 2.00
CA ASP B 341 0.04 -9.12 2.67
C ASP B 341 -0.03 -8.01 1.62
N LEU B 342 -1.10 -7.23 1.66
CA LEU B 342 -1.39 -6.23 0.64
C LEU B 342 -0.99 -4.82 1.10
N THR B 343 0.00 -4.25 0.43
CA THR B 343 0.37 -2.84 0.65
C THR B 343 -0.28 -2.00 -0.45
N VAL B 344 -1.16 -1.08 -0.05
CA VAL B 344 -1.94 -0.29 -0.99
C VAL B 344 -1.45 1.16 -1.02
N VAL B 345 -1.19 1.66 -2.22
CA VAL B 345 -0.87 3.08 -2.44
C VAL B 345 -1.85 3.67 -3.44
N GLN B 346 -2.25 4.92 -3.23
CA GLN B 346 -3.31 5.51 -4.04
C GLN B 346 -2.95 6.90 -4.56
N GLY B 347 -3.28 7.16 -5.82
CA GLY B 347 -2.97 8.42 -6.47
C GLY B 347 -4.10 9.43 -6.39
N ASP B 348 -4.03 10.48 -7.21
CA ASP B 348 -5.00 11.57 -7.19
C ASP B 348 -5.97 11.52 -8.38
N GLY B 349 -5.75 10.56 -9.28
CA GLY B 349 -6.65 10.36 -10.41
C GLY B 349 -6.44 11.32 -11.56
N GLN B 350 -5.29 12.00 -11.59
CA GLN B 350 -4.99 12.98 -12.62
C GLN B 350 -3.56 12.84 -13.15
N ASN B 351 -2.60 12.81 -12.23
CA ASN B 351 -1.19 12.69 -12.58
C ASN B 351 -0.64 11.30 -12.28
N GLU B 352 0.00 10.70 -13.27
CA GLU B 352 0.54 9.35 -13.11
C GLU B 352 1.60 9.33 -12.02
N LEU B 353 2.28 10.45 -11.83
CA LEU B 353 3.36 10.54 -10.85
C LEU B 353 2.84 10.43 -9.42
N SER B 354 1.56 10.71 -9.22
CA SER B 354 0.97 10.58 -7.89
C SER B 354 0.96 9.11 -7.46
N CYS B 355 1.00 8.21 -8.44
CA CYS B 355 1.09 6.79 -8.18
C CYS B 355 2.52 6.29 -8.27
N LEU B 356 3.21 6.69 -9.32
CA LEU B 356 4.58 6.24 -9.58
C LEU B 356 5.52 6.58 -8.44
N ASP B 357 5.35 7.75 -7.84
CA ASP B 357 6.20 8.18 -6.73
C ASP B 357 6.02 7.29 -5.51
N LYS B 358 4.89 6.59 -5.44
CA LYS B 358 4.63 5.64 -4.37
C LYS B 358 4.94 4.21 -4.81
N PHE B 359 5.28 4.07 -6.10
CA PHE B 359 5.64 2.78 -6.67
C PHE B 359 7.16 2.58 -6.54
N THR B 360 7.61 2.33 -5.31
CA THR B 360 9.04 2.23 -5.01
C THR B 360 9.35 1.11 -4.02
N ASN B 361 10.62 0.92 -3.70
CA ASN B 361 11.07 -0.16 -2.82
C ASN B 361 10.59 -1.50 -3.34
N LEU B 362 10.63 -1.64 -4.67
CA LEU B 362 10.00 -2.75 -5.36
C LEU B 362 10.68 -4.09 -5.08
N ASP B 363 11.92 -4.05 -4.61
CA ASP B 363 12.65 -5.27 -4.31
C ASP B 363 12.11 -5.98 -3.06
N MET B 364 11.28 -5.28 -2.29
CA MET B 364 10.75 -5.83 -1.05
C MET B 364 9.34 -6.39 -1.22
N PHE B 365 8.95 -6.65 -2.46
CA PHE B 365 7.64 -7.22 -2.78
C PHE B 365 7.78 -8.42 -3.70
N ASP B 366 6.82 -9.34 -3.61
CA ASP B 366 6.82 -10.55 -4.43
C ASP B 366 6.13 -10.33 -5.76
N ALA B 367 5.12 -9.47 -5.77
CA ALA B 367 4.34 -9.23 -6.98
C ALA B 367 3.72 -7.85 -6.97
N PHE B 368 3.13 -7.46 -8.10
CA PHE B 368 2.62 -6.10 -8.26
C PHE B 368 1.27 -6.09 -8.96
N ALA B 369 0.36 -5.28 -8.42
CA ALA B 369 -0.94 -5.05 -9.03
C ALA B 369 -1.09 -3.56 -9.32
N VAL B 370 -1.27 -3.22 -10.59
CA VAL B 370 -1.22 -1.82 -11.02
C VAL B 370 -2.54 -1.33 -11.64
N ASN B 371 -3.01 -0.22 -11.09
CA ASN B 371 -4.19 0.49 -11.58
C ASN B 371 -3.75 1.87 -12.02
N MET B 372 -3.41 2.00 -13.31
CA MET B 372 -2.78 3.22 -13.82
C MET B 372 -3.74 4.38 -13.96
N VAL B 373 -3.23 5.60 -13.84
CA VAL B 373 -4.03 6.80 -14.07
C VAL B 373 -4.37 6.91 -15.54
N LYS B 374 -3.35 6.88 -16.39
CA LYS B 374 -3.51 6.88 -17.83
C LYS B 374 -3.32 5.46 -18.37
N THR B 375 -4.22 5.03 -19.26
CA THR B 375 -4.20 3.65 -19.74
C THR B 375 -2.99 3.33 -20.62
N ASN B 376 -2.21 4.35 -20.98
CA ASN B 376 -1.01 4.14 -21.80
C ASN B 376 0.29 4.46 -21.06
N SER B 377 0.26 4.31 -19.73
CA SER B 377 1.44 4.61 -18.91
C SER B 377 2.21 3.35 -18.52
N GLY B 378 1.92 2.24 -19.19
CA GLY B 378 2.52 0.96 -18.87
C GLY B 378 4.04 0.99 -18.82
N ALA B 379 4.63 1.78 -19.71
CA ALA B 379 6.09 1.87 -19.80
C ALA B 379 6.70 2.51 -18.56
N ASP B 380 5.98 3.46 -17.97
CA ASP B 380 6.48 4.16 -16.79
C ASP B 380 6.66 3.21 -15.61
N TYR B 381 5.78 2.21 -15.52
CA TYR B 381 5.81 1.27 -14.41
C TYR B 381 6.83 0.15 -14.63
N THR B 382 6.88 -0.38 -15.85
CA THR B 382 7.80 -1.46 -16.17
C THR B 382 9.25 -0.99 -16.08
N ASP B 383 9.50 0.27 -16.44
CA ASP B 383 10.85 0.83 -16.38
C ASP B 383 11.39 0.83 -14.95
N LYS B 384 10.50 1.04 -13.97
CA LYS B 384 10.91 1.06 -12.57
C LYS B 384 11.31 -0.32 -12.07
N LEU B 385 10.77 -1.36 -12.69
CA LEU B 385 11.03 -2.73 -12.26
C LEU B 385 12.33 -3.30 -12.86
N LYS B 386 13.16 -2.42 -13.42
CA LYS B 386 14.46 -2.83 -13.95
C LYS B 386 15.58 -2.50 -12.99
#